data_5FMC
#
_entry.id   5FMC
#
_cell.length_a   74.432
_cell.length_b   204.740
_cell.length_c   145.560
_cell.angle_alpha   90.00
_cell.angle_beta   90.00
_cell.angle_gamma   90.00
#
_symmetry.space_group_name_H-M   'P 21 21 2'
#
loop_
_entity.id
_entity.type
_entity.pdbx_description
1 polymer BETA-FRUCTOFURANOSIDASE
2 branched alpha-D-mannopyranose-(1-2)-alpha-D-mannopyranose-(1-3)-[alpha-D-mannopyranose-(1-3)-alpha-D-mannopyranose-(1-6)]beta-D-mannopyranose-(1-4)-2-acetamido-2-deoxy-beta-D-glucopyranose-(1-4)-2-acetamido-2-deoxy-beta-D-glucopyranose
3 branched alpha-D-mannopyranose-(1-2)-alpha-D-mannopyranose-(1-2)-alpha-D-mannopyranose-(1-3)-[alpha-D-mannopyranose-(1-2)-alpha-D-mannopyranose-(1-6)-[alpha-D-mannopyranose-(1-3)]alpha-D-mannopyranose-(1-6)]beta-D-mannopyranose-(1-4)-2-acetamido-2-deoxy-beta-D-glucopyranose-(1-4)-2-acetamido-2-deoxy-beta-D-glucopyranose
4 branched 2-acetamido-2-deoxy-beta-D-glucopyranose-(1-4)-2-acetamido-2-deoxy-beta-D-glucopyranose
5 branched alpha-D-mannopyranose-(1-3)-alpha-D-mannopyranose-(1-6)-[alpha-D-mannopyranose-(1-3)]beta-D-mannopyranose-(1-4)-2-acetamido-2-deoxy-beta-D-glucopyranose-(1-4)-2-acetamido-2-deoxy-beta-D-glucopyranose
6 non-polymer beta-D-fructofuranose
7 non-polymer 2-[3-(2-HYDROXY-1,1-DIHYDROXYMETHYL-ETHYLAMINO)-PROPYLAMINO]-2-HYDROXYMETHYL-PROPANE-1,3-DIOL
8 non-polymer 2-acetamido-2-deoxy-beta-D-glucopyranose
9 water water
#
_entity_poly.entity_id   1
_entity_poly.type   'polypeptide(L)'
_entity_poly.pdbx_seq_one_letter_code
;APLLKTLPFLAAAYAAELDLPNFSALNRRQDNSTSSSAGCSLDQTVAPGNLTLCGNATLFTTFRPKARFIAPEGWMNAPM
GLYQRADGSIHAGYQSHPKHIQWGNISQGAAYSSDFTSWTDFNGSEGYKTIWPSQIYDIRGVFDGSIIKEGIDGYPTILY
TSTSFGPLGATLNEAEGTETQSLAYTTDDGASWIKLGYGAGQNPVIYEWPETNLTGFRDPYVFQSPRLEALLANTTSITN
ATGDHFATISGGVHGDGARLFLYRQHTTGEFIKWTYLGPLVTTGYKESYGEWSGNYGINFETAGVTRLNPAGAAWDNGSD
TTAVDFVTFGTEQGRADHQNHWPLWAAVDYEVRDNGSIEAVIAYSGVQDWGRSYAYASFPVEGYRQVSVGWIYEDDDNVI
LAKQFGYQGAFTLFRDLFVKVVENVSPSTPGLFEQASWSTKNSTDGMSVTVTTLGQRVVPETLAAYKGNSTVSTLAPVML
NESAAAYTPFSSQPTDRFYALTGSFEFGLNTTAKAGFRVLASEEEYTDIWFDPASENLTVVRTASSLIKSFGNDTELAKV
KLYEIVGAESKTLNLTVFVDGSVIEIYANDEVALSTRAYPWLANSTGAGLLADGTTAGDVVGVSGLELWDGLVDAWPARP
ANTSQGLVWDGPTAAMYGLFAGY
;
_entity_poly.pdbx_strand_id   A,B
#
# COMPACT_ATOMS: atom_id res chain seq x y z
N CYS A 40 -14.39 37.75 14.23
CA CYS A 40 -13.37 36.68 13.99
C CYS A 40 -12.54 36.94 12.72
N SER A 41 -11.31 37.39 12.92
CA SER A 41 -10.36 37.50 11.82
C SER A 41 -9.48 36.25 11.83
N LEU A 42 -9.23 35.72 10.64
CA LEU A 42 -8.28 34.62 10.46
C LEU A 42 -6.98 35.11 9.84
N ASP A 43 -6.62 36.37 10.09
CA ASP A 43 -5.44 36.97 9.51
C ASP A 43 -4.25 36.52 10.34
N GLN A 44 -3.47 35.61 9.77
CA GLN A 44 -2.27 35.08 10.44
C GLN A 44 -1.00 35.90 10.18
N THR A 45 -1.14 37.10 9.60
CA THR A 45 -0.02 38.04 9.48
C THR A 45 -0.01 39.08 10.61
N VAL A 46 -1.04 39.08 11.45
CA VAL A 46 -1.11 39.98 12.60
C VAL A 46 -1.46 39.18 13.85
N ALA A 47 -1.37 39.81 15.01
CA ALA A 47 -1.65 39.15 16.29
C ALA A 47 -3.04 38.56 16.29
N PRO A 48 -3.25 37.44 17.01
CA PRO A 48 -4.57 36.83 17.03
C PRO A 48 -5.57 37.69 17.80
N GLY A 49 -6.79 37.76 17.29
CA GLY A 49 -7.85 38.45 18.02
C GLY A 49 -8.45 37.56 19.10
N ASN A 50 -9.72 37.79 19.39
CA ASN A 50 -10.47 36.95 20.28
C ASN A 50 -11.00 35.79 19.44
N LEU A 51 -10.26 34.68 19.43
CA LEU A 51 -10.63 33.55 18.58
C LEU A 51 -11.84 32.77 19.11
N THR A 52 -12.23 33.00 20.37
CA THR A 52 -13.46 32.42 20.92
C THR A 52 -14.74 32.95 20.24
N LEU A 53 -14.65 34.08 19.54
CA LEU A 53 -15.76 34.56 18.71
C LEU A 53 -15.91 33.85 17.37
N CYS A 54 -14.91 33.07 16.97
CA CYS A 54 -14.96 32.37 15.70
C CYS A 54 -15.98 31.23 15.75
N GLY A 55 -16.54 30.92 14.58
CA GLY A 55 -17.55 29.89 14.45
C GLY A 55 -16.97 28.49 14.54
N ASN A 56 -17.86 27.51 14.54
CA ASN A 56 -17.47 26.11 14.63
C ASN A 56 -16.62 25.70 13.43
N ALA A 57 -15.50 25.02 13.70
CA ALA A 57 -14.62 24.51 12.64
C ALA A 57 -13.99 25.60 11.73
N THR A 58 -14.01 26.86 12.16
CA THR A 58 -13.37 27.94 11.40
C THR A 58 -11.85 27.84 11.49
N LEU A 59 -11.33 27.21 12.55
CA LEU A 59 -9.91 26.93 12.68
C LEU A 59 -9.55 25.48 12.34
N PHE A 60 -10.32 24.85 11.46
CA PHE A 60 -10.16 23.40 11.18
C PHE A 60 -8.78 23.06 10.64
N THR A 61 -8.31 23.80 9.63
CA THR A 61 -7.02 23.51 9.02
C THR A 61 -5.82 24.19 9.67
N THR A 62 -6.07 25.19 10.52
CA THR A 62 -5.02 26.08 11.04
C THR A 62 -3.88 25.36 11.73
N PHE A 63 -4.23 24.41 12.61
CA PHE A 63 -3.24 23.69 13.42
C PHE A 63 -3.25 22.18 13.16
N ARG A 64 -3.90 21.74 12.09
CA ARG A 64 -4.28 20.34 11.96
C ARG A 64 -3.15 19.48 11.39
N PRO A 65 -2.83 18.35 12.04
CA PRO A 65 -1.84 17.44 11.43
C PRO A 65 -2.31 16.93 10.08
N LYS A 66 -1.37 16.74 9.17
CA LYS A 66 -1.63 16.21 7.82
C LYS A 66 -0.92 14.88 7.52
N ALA A 67 0.10 14.53 8.28
CA ALA A 67 0.98 13.41 7.96
C ALA A 67 0.82 12.17 8.86
N ARG A 68 -0.28 12.12 9.61
CA ARG A 68 -0.50 11.06 10.61
C ARG A 68 -1.94 10.63 10.67
N PHE A 69 -2.17 9.59 11.45
CA PHE A 69 -3.53 9.09 11.64
C PHE A 69 -4.32 10.09 12.50
N ILE A 70 -5.49 10.47 12.00
CA ILE A 70 -6.41 11.35 12.70
C ILE A 70 -7.80 11.08 12.14
N ALA A 71 -8.83 11.23 12.98
CA ALA A 71 -10.22 11.09 12.53
C ALA A 71 -10.55 12.15 11.48
N PRO A 72 -11.57 11.90 10.65
CA PRO A 72 -12.00 12.97 9.72
C PRO A 72 -12.43 14.27 10.39
N GLU A 73 -13.06 14.17 11.56
CA GLU A 73 -13.50 15.33 12.32
C GLU A 73 -13.92 14.88 13.72
N GLY A 74 -14.15 15.86 14.59
CA GLY A 74 -14.71 15.59 15.89
C GLY A 74 -13.72 15.01 16.86
N TRP A 75 -14.26 14.34 17.87
CA TRP A 75 -13.48 13.84 18.99
C TRP A 75 -12.92 12.46 18.68
N MET A 76 -11.64 12.27 18.98
CA MET A 76 -11.07 10.92 19.04
C MET A 76 -10.21 10.77 20.30
N ASN A 77 -10.09 9.53 20.77
CA ASN A 77 -9.07 9.19 21.76
C ASN A 77 -8.35 7.87 21.43
N ALA A 78 -8.44 6.85 22.29
CA ALA A 78 -7.55 5.69 22.25
C ALA A 78 -7.63 4.91 20.95
N PRO A 79 -6.47 4.46 20.43
CA PRO A 79 -6.47 3.42 19.40
C PRO A 79 -7.12 2.16 19.93
N MET A 80 -7.73 1.40 19.03
CA MET A 80 -8.38 0.15 19.41
C MET A 80 -8.49 -0.76 18.18
N GLY A 81 -8.79 -2.02 18.45
CA GLY A 81 -9.10 -2.97 17.38
C GLY A 81 -8.02 -3.11 16.33
N LEU A 82 -6.76 -2.97 16.72
CA LEU A 82 -5.65 -2.99 15.79
C LEU A 82 -5.30 -4.40 15.34
N TYR A 83 -5.22 -4.62 14.03
CA TYR A 83 -4.73 -5.90 13.51
C TYR A 83 -4.30 -5.80 12.07
N GLN A 84 -3.37 -6.68 11.71
CA GLN A 84 -2.96 -6.83 10.34
C GLN A 84 -3.92 -7.79 9.68
N ARG A 85 -4.60 -7.32 8.64
CA ARG A 85 -5.61 -8.13 7.95
C ARG A 85 -4.94 -9.18 7.07
N ALA A 86 -5.74 -10.13 6.59
CA ALA A 86 -5.24 -11.24 5.75
C ALA A 86 -4.51 -10.77 4.49
N ASP A 87 -4.92 -9.63 3.92
CA ASP A 87 -4.24 -9.06 2.75
C ASP A 87 -2.95 -8.29 3.07
N GLY A 88 -2.55 -8.26 4.34
CA GLY A 88 -1.33 -7.59 4.76
C GLY A 88 -1.53 -6.15 5.21
N SER A 89 -2.68 -5.56 4.92
CA SER A 89 -2.95 -4.18 5.30
C SER A 89 -3.22 -4.08 6.80
N ILE A 90 -3.13 -2.86 7.32
CA ILE A 90 -3.30 -2.60 8.74
C ILE A 90 -4.68 -2.00 8.95
N HIS A 91 -5.54 -2.46 9.76
CA HIS A 91 -6.73 -2.02 10.46
C HIS A 91 -6.30 -1.49 11.81
N ALA A 92 -6.89 -0.10 11.66
CA ALA A 92 -6.81 0.67 12.88
C ALA A 92 -8.17 1.23 13.25
N GLY A 93 -8.61 0.90 14.45
CA GLY A 93 -9.78 1.48 15.06
C GLY A 93 -9.37 2.60 16.01
N TYR A 94 -10.35 3.40 16.40
CA TYR A 94 -10.15 4.44 17.42
C TYR A 94 -11.44 4.84 18.09
N GLN A 95 -11.34 5.16 19.38
CA GLN A 95 -12.45 5.73 20.13
C GLN A 95 -12.85 7.05 19.46
N SER A 96 -14.13 7.18 19.12
CA SER A 96 -14.62 8.24 18.23
C SER A 96 -15.96 8.79 18.68
N HIS A 97 -16.10 10.11 18.63
CA HIS A 97 -17.38 10.79 18.80
C HIS A 97 -17.50 11.87 17.72
N PRO A 98 -18.00 11.49 16.52
CA PRO A 98 -18.16 12.45 15.44
C PRO A 98 -19.09 13.62 15.78
N LYS A 99 -18.78 14.78 15.18
CA LYS A 99 -19.60 15.99 15.27
C LYS A 99 -19.72 16.54 16.71
N HIS A 100 -18.76 16.16 17.57
CA HIS A 100 -18.64 16.65 18.92
C HIS A 100 -17.16 16.90 19.16
N ILE A 101 -16.83 17.70 20.17
CA ILE A 101 -15.44 17.94 20.56
C ILE A 101 -15.14 17.56 22.02
N GLN A 102 -16.08 16.88 22.66
CA GLN A 102 -15.83 16.15 23.89
C GLN A 102 -16.29 14.70 23.70
N TRP A 103 -15.76 13.85 24.56
CA TRP A 103 -16.07 12.42 24.59
C TRP A 103 -17.56 12.14 24.82
N GLY A 104 -18.04 11.08 24.20
CA GLY A 104 -19.40 10.60 24.44
C GLY A 104 -19.81 9.60 23.38
N ASN A 105 -20.88 8.86 23.66
CA ASN A 105 -21.40 7.80 22.79
C ASN A 105 -20.28 7.04 22.12
N ILE A 106 -19.29 6.65 22.92
CA ILE A 106 -18.01 6.39 22.32
C ILE A 106 -18.10 5.14 21.44
N SER A 107 -17.54 5.23 20.25
CA SER A 107 -17.71 4.27 19.16
C SER A 107 -16.34 3.94 18.58
N GLN A 108 -16.26 2.89 17.77
CA GLN A 108 -15.06 2.61 16.98
C GLN A 108 -15.18 3.26 15.60
N GLY A 109 -14.35 4.27 15.36
CA GLY A 109 -14.07 4.76 14.02
C GLY A 109 -12.96 3.88 13.46
N ALA A 110 -12.86 3.77 12.14
CA ALA A 110 -11.85 2.89 11.56
C ALA A 110 -11.35 3.32 10.20
N ALA A 111 -10.14 2.85 9.90
CA ALA A 111 -9.50 3.07 8.61
C ALA A 111 -8.46 1.99 8.38
N TYR A 112 -7.91 1.95 7.16
CA TYR A 112 -6.91 0.96 6.81
C TYR A 112 -5.77 1.54 5.97
N SER A 113 -4.64 0.85 5.98
CA SER A 113 -3.43 1.28 5.28
C SER A 113 -2.56 0.09 4.93
N SER A 114 -1.89 0.16 3.79
CA SER A 114 -0.92 -0.89 3.45
C SER A 114 0.49 -0.59 3.97
N ASP A 115 0.74 0.60 4.54
CA ASP A 115 2.11 0.99 4.92
C ASP A 115 2.21 1.81 6.21
N PHE A 116 1.18 1.74 7.06
CA PHE A 116 1.06 2.56 8.28
C PHE A 116 0.94 4.08 8.07
N THR A 117 1.00 4.54 6.82
CA THR A 117 1.35 5.93 6.55
C THR A 117 0.28 6.65 5.74
N SER A 118 -0.14 6.05 4.63
CA SER A 118 -1.24 6.54 3.82
C SER A 118 -2.50 5.72 4.13
N TRP A 119 -3.57 6.39 4.55
CA TRP A 119 -4.77 5.75 5.08
C TRP A 119 -6.01 6.03 4.25
N THR A 120 -6.98 5.13 4.39
CA THR A 120 -8.30 5.25 3.77
C THR A 120 -9.38 4.95 4.81
N ASP A 121 -10.35 5.86 4.91
CA ASP A 121 -11.47 5.68 5.84
C ASP A 121 -12.39 4.57 5.35
N PHE A 122 -12.94 3.79 6.27
CA PHE A 122 -14.14 3.01 5.96
C PHE A 122 -15.31 3.98 5.78
N ASN A 123 -16.26 3.60 4.93
CA ASN A 123 -17.49 4.37 4.72
C ASN A 123 -18.64 3.39 4.63
N GLY A 124 -19.51 3.42 5.63
CA GLY A 124 -20.66 2.55 5.69
C GLY A 124 -21.88 3.34 6.11
N SER A 125 -22.89 2.65 6.62
CA SER A 125 -24.14 3.30 7.00
C SER A 125 -23.95 4.32 8.13
N GLU A 126 -22.93 4.12 8.97
CA GLU A 126 -22.60 5.09 10.03
C GLU A 126 -21.34 5.87 9.73
N GLY A 127 -21.12 6.19 8.47
CA GLY A 127 -19.97 6.98 8.06
C GLY A 127 -18.70 6.19 8.27
N TYR A 128 -17.77 6.73 9.05
CA TYR A 128 -16.51 6.06 9.31
C TYR A 128 -16.53 5.23 10.61
N LYS A 129 -17.67 5.21 11.30
CA LYS A 129 -17.84 4.28 12.42
C LYS A 129 -18.08 2.86 11.93
N THR A 130 -17.59 1.89 12.71
CA THR A 130 -17.88 0.48 12.45
C THR A 130 -18.45 -0.28 13.65
N ILE A 131 -18.32 0.26 14.86
CA ILE A 131 -19.02 -0.29 16.03
C ILE A 131 -19.50 0.90 16.86
N TRP A 132 -20.72 0.81 17.38
CA TRP A 132 -21.33 1.89 18.13
C TRP A 132 -22.23 1.33 19.22
N PRO A 133 -22.54 2.14 20.25
CA PRO A 133 -23.49 1.71 21.28
C PRO A 133 -24.83 1.36 20.67
N SER A 134 -25.34 0.18 20.98
CA SER A 134 -26.58 -0.31 20.39
C SER A 134 -27.41 -1.26 21.25
N GLN A 135 -26.89 -1.71 22.40
CA GLN A 135 -27.51 -2.72 23.22
C GLN A 135 -27.44 -2.26 24.67
N ILE A 136 -28.32 -2.79 25.51
CA ILE A 136 -28.31 -2.40 26.92
C ILE A 136 -26.91 -2.54 27.55
N TYR A 137 -26.17 -3.55 27.12
CA TYR A 137 -24.86 -3.87 27.72
C TYR A 137 -23.73 -2.94 27.28
N ASP A 138 -23.87 -2.28 26.12
CA ASP A 138 -22.86 -1.33 25.64
C ASP A 138 -23.39 0.08 25.29
N ILE A 139 -24.62 0.40 25.69
CA ILE A 139 -25.27 1.67 25.28
C ILE A 139 -24.54 2.92 25.81
N ARG A 140 -23.77 2.76 26.89
CA ARG A 140 -23.06 3.88 27.48
C ARG A 140 -21.72 4.14 26.81
N GLY A 141 -21.29 3.23 25.94
CA GLY A 141 -20.03 3.38 25.23
C GLY A 141 -19.43 2.03 24.83
N VAL A 142 -18.93 1.97 23.60
CA VAL A 142 -18.10 0.90 23.11
C VAL A 142 -16.67 1.32 23.38
N PHE A 143 -16.12 0.84 24.50
CA PHE A 143 -14.80 1.22 24.97
C PHE A 143 -13.73 0.41 24.20
N ASP A 144 -12.47 0.55 24.62
CA ASP A 144 -11.36 -0.13 23.97
C ASP A 144 -11.57 -1.64 23.86
N GLY A 145 -11.01 -2.22 22.81
CA GLY A 145 -11.01 -3.66 22.60
C GLY A 145 -9.86 -4.07 21.71
N SER A 146 -9.62 -5.37 21.62
CA SER A 146 -8.52 -5.92 20.85
C SER A 146 -8.98 -7.13 20.07
N ILE A 147 -8.14 -7.60 19.16
CA ILE A 147 -8.54 -8.51 18.10
C ILE A 147 -8.04 -9.94 18.33
N ILE A 148 -8.98 -10.87 18.24
CA ILE A 148 -8.71 -12.31 18.07
C ILE A 148 -8.74 -12.56 16.57
N LYS A 149 -7.57 -12.80 15.96
CA LYS A 149 -7.50 -12.84 14.50
C LYS A 149 -8.28 -14.02 13.90
N GLU A 150 -8.23 -15.17 14.56
CA GLU A 150 -9.06 -16.33 14.17
C GLU A 150 -10.06 -16.64 15.25
N GLY A 151 -11.19 -15.97 15.19
CA GLY A 151 -12.18 -16.01 16.27
C GLY A 151 -13.45 -16.73 15.86
N ILE A 152 -14.58 -16.09 16.10
CA ILE A 152 -15.90 -16.68 15.87
C ILE A 152 -16.03 -17.11 14.40
N ASP A 153 -16.32 -18.40 14.18
CA ASP A 153 -16.42 -18.98 12.83
C ASP A 153 -15.20 -18.71 11.94
N GLY A 154 -14.02 -18.61 12.56
CA GLY A 154 -12.79 -18.29 11.86
C GLY A 154 -12.55 -16.82 11.51
N TYR A 155 -13.48 -15.94 11.83
CA TYR A 155 -13.38 -14.52 11.46
C TYR A 155 -12.64 -13.69 12.49
N PRO A 156 -12.04 -12.56 12.05
CA PRO A 156 -11.49 -11.64 13.03
C PRO A 156 -12.60 -11.18 13.98
N THR A 157 -12.26 -11.15 15.27
CA THR A 157 -13.21 -10.99 16.33
C THR A 157 -12.63 -10.00 17.33
N ILE A 158 -13.45 -9.06 17.77
CA ILE A 158 -13.03 -8.07 18.75
C ILE A 158 -13.64 -8.43 20.11
N LEU A 159 -12.82 -8.40 21.15
CA LEU A 159 -13.28 -8.45 22.53
C LEU A 159 -13.11 -7.02 23.02
N TYR A 160 -14.20 -6.40 23.45
CA TYR A 160 -14.21 -4.97 23.84
C TYR A 160 -14.96 -4.74 25.11
N THR A 161 -14.69 -3.61 25.77
CA THR A 161 -15.43 -3.27 26.96
C THR A 161 -16.76 -2.62 26.58
N SER A 162 -17.84 -3.33 26.91
CA SER A 162 -19.20 -2.88 26.71
C SER A 162 -19.65 -2.22 28.00
N THR A 163 -20.02 -0.94 27.94
CA THR A 163 -20.42 -0.21 29.15
C THR A 163 -21.91 0.08 29.19
N SER A 164 -22.47 0.02 30.40
CA SER A 164 -23.86 0.38 30.65
C SER A 164 -23.92 1.48 31.72
N PHE A 165 -25.08 1.65 32.32
N PHE A 165 -25.09 1.66 32.32
CA PHE A 165 -25.33 2.76 33.22
CA PHE A 165 -25.34 2.79 33.24
C PHE A 165 -24.63 2.59 34.56
C PHE A 165 -24.63 2.60 34.56
N GLY A 166 -24.50 3.71 35.29
CA GLY A 166 -23.99 3.71 36.66
C GLY A 166 -22.72 4.52 36.75
N PRO A 167 -22.31 4.89 37.97
CA PRO A 167 -21.03 5.55 38.15
C PRO A 167 -19.90 4.70 37.55
N LEU A 168 -19.03 5.34 36.77
CA LEU A 168 -17.94 4.65 36.08
C LEU A 168 -16.68 5.51 36.28
N GLY A 169 -15.71 4.97 37.01
CA GLY A 169 -14.45 5.66 37.19
C GLY A 169 -13.73 5.23 38.44
N ALA A 170 -12.40 5.39 38.41
CA ALA A 170 -11.52 4.97 39.48
C ALA A 170 -11.70 5.77 40.78
N THR A 171 -12.20 7.00 40.68
CA THR A 171 -12.48 7.83 41.85
C THR A 171 -13.96 7.82 42.27
N LEU A 172 -14.79 7.00 41.61
CA LEU A 172 -16.21 6.90 41.90
C LEU A 172 -16.50 5.53 42.51
N ASN A 173 -17.75 5.31 42.86
CA ASN A 173 -18.17 4.03 43.44
C ASN A 173 -18.83 3.16 42.36
N GLU A 174 -18.01 2.60 41.48
CA GLU A 174 -18.51 1.78 40.38
C GLU A 174 -19.01 0.44 40.90
N ALA A 175 -20.01 -0.11 40.21
CA ALA A 175 -20.59 -1.39 40.56
C ALA A 175 -20.45 -2.34 39.40
N GLU A 176 -20.46 -3.62 39.74
CA GLU A 176 -20.43 -4.72 38.79
C GLU A 176 -21.53 -4.55 37.74
N GLY A 177 -21.21 -4.83 36.47
CA GLY A 177 -22.16 -4.71 35.37
C GLY A 177 -21.99 -3.45 34.53
N THR A 178 -21.54 -2.36 35.15
CA THR A 178 -21.33 -1.11 34.43
C THR A 178 -20.28 -1.29 33.33
N GLU A 179 -19.22 -2.04 33.60
CA GLU A 179 -18.23 -2.42 32.60
C GLU A 179 -18.18 -3.92 32.45
N THR A 180 -18.47 -4.40 31.27
CA THR A 180 -18.43 -5.80 30.96
C THR A 180 -17.60 -5.95 29.66
N GLN A 181 -17.35 -7.18 29.26
CA GLN A 181 -16.61 -7.44 28.04
C GLN A 181 -17.41 -8.29 27.06
N SER A 182 -17.47 -7.84 25.82
CA SER A 182 -18.29 -8.46 24.81
C SER A 182 -17.56 -8.75 23.52
N LEU A 183 -18.15 -9.63 22.69
CA LEU A 183 -17.58 -10.00 21.41
C LEU A 183 -18.38 -9.52 20.21
N ALA A 184 -17.64 -9.20 19.15
CA ALA A 184 -18.22 -9.00 17.83
C ALA A 184 -17.23 -9.51 16.80
N TYR A 185 -17.73 -9.91 15.63
CA TYR A 185 -16.86 -10.43 14.58
C TYR A 185 -17.18 -9.77 13.24
N THR A 186 -16.22 -9.80 12.33
CA THR A 186 -16.37 -9.18 11.02
C THR A 186 -16.25 -10.22 9.91
N THR A 187 -17.21 -10.21 8.99
CA THR A 187 -17.16 -11.06 7.80
C THR A 187 -16.71 -10.29 6.55
N ASP A 188 -16.40 -9.01 6.71
CA ASP A 188 -16.02 -8.15 5.58
C ASP A 188 -14.76 -7.34 5.89
N ASP A 189 -13.84 -7.94 6.63
CA ASP A 189 -12.52 -7.35 6.90
C ASP A 189 -12.57 -5.97 7.58
N GLY A 190 -13.54 -5.79 8.47
CA GLY A 190 -13.63 -4.59 9.28
C GLY A 190 -14.56 -3.51 8.75
N ALA A 191 -15.21 -3.73 7.61
CA ALA A 191 -16.22 -2.77 7.15
C ALA A 191 -17.42 -2.73 8.10
N SER A 192 -17.75 -3.89 8.69
CA SER A 192 -18.82 -3.98 9.69
C SER A 192 -18.51 -5.07 10.70
N TRP A 193 -19.16 -4.99 11.86
CA TRP A 193 -19.01 -6.00 12.92
C TRP A 193 -20.40 -6.46 13.37
N ILE A 194 -20.53 -7.75 13.64
CA ILE A 194 -21.75 -8.36 14.14
C ILE A 194 -21.51 -8.77 15.59
N LYS A 195 -22.28 -8.20 16.50
CA LYS A 195 -22.16 -8.54 17.91
C LYS A 195 -22.86 -9.86 18.15
N LEU A 196 -22.35 -10.65 19.08
CA LEU A 196 -23.12 -11.79 19.59
C LEU A 196 -24.38 -11.26 20.25
N GLY A 197 -25.42 -12.09 20.33
CA GLY A 197 -26.66 -11.69 20.96
C GLY A 197 -26.50 -11.37 22.44
N TYR A 198 -27.42 -10.60 23.00
CA TYR A 198 -27.46 -10.38 24.44
C TYR A 198 -28.05 -11.60 25.13
N GLY A 199 -27.38 -12.09 26.17
CA GLY A 199 -28.00 -13.07 27.06
C GLY A 199 -27.07 -14.10 27.65
N ALA A 200 -27.68 -15.09 28.31
CA ALA A 200 -26.93 -16.18 28.95
C ALA A 200 -26.19 -16.98 27.90
N GLY A 201 -24.89 -17.18 28.14
CA GLY A 201 -24.04 -17.91 27.19
C GLY A 201 -23.67 -17.11 25.95
N GLN A 202 -24.00 -15.81 25.92
CA GLN A 202 -23.68 -14.93 24.79
C GLN A 202 -23.10 -13.62 25.37
N ASN A 203 -23.37 -12.46 24.76
CA ASN A 203 -22.85 -11.20 25.30
C ASN A 203 -23.61 -10.70 26.55
N PRO A 204 -22.92 -10.04 27.47
CA PRO A 204 -21.46 -9.96 27.53
C PRO A 204 -20.86 -11.27 28.02
N VAL A 205 -19.64 -11.57 27.57
CA VAL A 205 -18.98 -12.84 27.87
C VAL A 205 -18.17 -12.82 29.16
N ILE A 206 -17.72 -11.64 29.59
CA ILE A 206 -17.08 -11.49 30.90
C ILE A 206 -17.80 -10.35 31.62
N TYR A 207 -18.38 -10.66 32.77
CA TYR A 207 -19.16 -9.70 33.54
C TYR A 207 -18.91 -9.73 35.05
N GLU A 208 -18.48 -10.88 35.59
CA GLU A 208 -18.23 -10.97 37.03
C GLU A 208 -16.91 -10.33 37.36
N TRP A 209 -16.91 -9.47 38.35
CA TRP A 209 -15.69 -8.89 38.86
C TRP A 209 -14.85 -9.97 39.54
N PRO A 210 -13.55 -10.05 39.20
CA PRO A 210 -12.71 -11.09 39.82
C PRO A 210 -12.35 -10.81 41.28
N GLU A 211 -12.44 -9.55 41.71
CA GLU A 211 -12.24 -9.16 43.11
C GLU A 211 -13.25 -8.06 43.41
N THR A 212 -13.52 -7.79 44.68
CA THR A 212 -14.48 -6.74 45.05
C THR A 212 -13.83 -5.34 44.97
N ASN A 213 -14.69 -4.32 44.93
CA ASN A 213 -14.27 -2.91 45.03
C ASN A 213 -13.26 -2.48 43.98
N LEU A 214 -13.52 -2.85 42.73
CA LEU A 214 -12.65 -2.47 41.63
C LEU A 214 -12.74 -0.97 41.34
N THR A 215 -11.61 -0.40 40.99
CA THR A 215 -11.54 0.96 40.49
C THR A 215 -11.87 0.99 38.99
N GLY A 216 -11.75 -0.15 38.31
CA GLY A 216 -11.99 -0.23 36.87
C GLY A 216 -11.93 -1.66 36.40
N PHE A 217 -12.47 -1.91 35.21
CA PHE A 217 -12.58 -3.28 34.69
C PHE A 217 -12.79 -3.22 33.19
N ARG A 218 -11.72 -2.91 32.47
CA ARG A 218 -11.83 -2.62 31.05
C ARG A 218 -10.58 -2.88 30.23
N ASP A 219 -10.74 -2.71 28.91
CA ASP A 219 -9.66 -2.69 27.94
C ASP A 219 -9.05 -4.07 27.80
N PRO A 220 -9.89 -5.05 27.39
CA PRO A 220 -9.38 -6.41 27.25
C PRO A 220 -8.35 -6.52 26.16
N TYR A 221 -7.20 -7.10 26.51
CA TYR A 221 -6.11 -7.27 25.58
C TYR A 221 -5.90 -8.77 25.36
N VAL A 222 -6.27 -9.23 24.16
CA VAL A 222 -6.22 -10.64 23.84
C VAL A 222 -4.93 -10.94 23.08
N PHE A 223 -4.24 -12.00 23.49
CA PHE A 223 -2.95 -12.34 22.89
C PHE A 223 -2.68 -13.84 23.02
N GLN A 224 -1.90 -14.36 22.09
CA GLN A 224 -1.38 -15.73 22.17
C GLN A 224 0.00 -15.65 22.79
N SER A 225 0.39 -16.71 23.48
CA SER A 225 1.66 -16.70 24.20
C SER A 225 2.16 -18.12 24.43
N PRO A 226 3.02 -18.63 23.52
CA PRO A 226 3.73 -19.88 23.79
C PRO A 226 4.45 -19.88 25.14
N ARG A 227 4.99 -18.73 25.53
CA ARG A 227 5.61 -18.54 26.83
C ARG A 227 4.66 -18.87 27.99
N LEU A 228 3.50 -18.21 28.03
CA LEU A 228 2.57 -18.46 29.12
C LEU A 228 1.97 -19.86 29.07
N GLU A 229 1.73 -20.38 27.87
CA GLU A 229 1.26 -21.76 27.72
C GLU A 229 2.25 -22.78 28.32
N ALA A 230 3.52 -22.59 28.05
CA ALA A 230 4.57 -23.48 28.60
C ALA A 230 4.64 -23.37 30.12
N LEU A 231 4.55 -22.16 30.64
CA LEU A 231 4.58 -21.95 32.09
C LEU A 231 3.40 -22.56 32.83
N LEU A 232 2.22 -22.56 32.20
CA LEU A 232 0.99 -23.03 32.84
C LEU A 232 0.66 -24.50 32.54
N ALA A 233 1.40 -25.12 31.62
CA ALA A 233 1.08 -26.48 31.13
C ALA A 233 0.98 -27.52 32.25
N ASN A 234 1.81 -27.40 33.26
CA ASN A 234 1.77 -28.31 34.43
C ASN A 234 0.65 -28.07 35.45
N THR A 235 -0.11 -26.98 35.30
CA THR A 235 -1.17 -26.61 36.25
C THR A 235 -2.58 -26.60 35.64
N THR A 236 -2.73 -26.99 34.38
CA THR A 236 -4.05 -26.86 33.74
C THR A 236 -5.15 -27.71 34.39
N SER A 237 -4.77 -28.78 35.08
CA SER A 237 -5.74 -29.53 35.90
C SER A 237 -6.35 -28.74 37.05
N ILE A 238 -5.65 -27.73 37.55
CA ILE A 238 -6.18 -26.94 38.65
C ILE A 238 -7.33 -26.03 38.19
N THR A 239 -7.18 -25.45 37.00
CA THR A 239 -8.14 -24.47 36.47
C THR A 239 -9.02 -24.99 35.34
N ASN A 240 -8.57 -26.05 34.66
CA ASN A 240 -9.18 -26.55 33.41
C ASN A 240 -9.14 -25.60 32.21
N ALA A 241 -8.37 -24.52 32.29
CA ALA A 241 -8.26 -23.55 31.20
C ALA A 241 -7.08 -23.96 30.31
N THR A 242 -7.38 -24.35 29.08
CA THR A 242 -6.38 -24.89 28.16
C THR A 242 -6.36 -24.22 26.80
N GLY A 243 -7.07 -23.09 26.65
CA GLY A 243 -7.11 -22.39 25.37
C GLY A 243 -5.79 -21.74 24.98
N ASP A 244 -5.68 -21.40 23.71
CA ASP A 244 -4.47 -20.78 23.17
C ASP A 244 -4.50 -19.23 23.14
N HIS A 245 -5.54 -18.62 23.71
CA HIS A 245 -5.61 -17.16 23.87
C HIS A 245 -5.68 -16.79 25.33
N PHE A 246 -4.93 -15.75 25.68
CA PHE A 246 -5.02 -15.12 26.99
C PHE A 246 -5.68 -13.74 26.81
N ALA A 247 -6.20 -13.20 27.89
CA ALA A 247 -6.71 -11.83 27.88
C ALA A 247 -6.43 -11.15 29.21
N THR A 248 -5.86 -9.95 29.17
CA THR A 248 -5.78 -9.14 30.36
C THR A 248 -6.91 -8.12 30.41
N ILE A 249 -7.34 -7.79 31.61
CA ILE A 249 -8.30 -6.71 31.83
C ILE A 249 -7.68 -5.75 32.83
N SER A 250 -7.76 -4.45 32.52
CA SER A 250 -7.10 -3.39 33.28
C SER A 250 -8.01 -2.82 34.34
N GLY A 251 -7.46 -2.63 35.54
CA GLY A 251 -8.23 -2.09 36.63
C GLY A 251 -7.39 -1.79 37.85
N GLY A 252 -7.96 -2.09 39.02
CA GLY A 252 -7.32 -1.83 40.30
C GLY A 252 -8.34 -2.07 41.39
N VAL A 253 -7.94 -1.82 42.63
CA VAL A 253 -8.79 -2.04 43.81
C VAL A 253 -8.75 -0.79 44.66
N HIS A 254 -9.94 -0.34 45.09
CA HIS A 254 -10.05 0.93 45.82
C HIS A 254 -9.14 0.94 47.03
N GLY A 255 -8.33 2.00 47.13
CA GLY A 255 -7.41 2.18 48.23
C GLY A 255 -6.14 1.34 48.18
N ASP A 256 -6.02 0.43 47.21
CA ASP A 256 -4.95 -0.57 47.23
C ASP A 256 -4.20 -0.76 45.91
N GLY A 257 -4.27 0.24 45.03
CA GLY A 257 -3.47 0.25 43.80
C GLY A 257 -4.06 -0.48 42.62
N ALA A 258 -3.33 -0.38 41.51
CA ALA A 258 -3.76 -0.91 40.22
C ALA A 258 -3.58 -2.42 40.11
N ARG A 259 -4.31 -3.02 39.18
CA ARG A 259 -4.26 -4.45 38.90
C ARG A 259 -4.40 -4.69 37.42
N LEU A 260 -3.65 -5.64 36.90
CA LEU A 260 -3.89 -6.20 35.58
C LEU A 260 -4.30 -7.65 35.80
N PHE A 261 -5.55 -7.98 35.45
CA PHE A 261 -6.14 -9.30 35.70
C PHE A 261 -5.92 -10.19 34.49
N LEU A 262 -5.45 -11.43 34.71
CA LEU A 262 -5.21 -12.37 33.61
C LEU A 262 -6.31 -13.41 33.52
N TYR A 263 -6.83 -13.58 32.31
CA TYR A 263 -7.79 -14.58 31.95
C TYR A 263 -7.18 -15.48 30.91
N ARG A 264 -7.66 -16.71 30.86
CA ARG A 264 -7.30 -17.63 29.79
C ARG A 264 -8.55 -18.18 29.19
N GLN A 265 -8.58 -18.20 27.87
CA GLN A 265 -9.62 -18.87 27.10
C GLN A 265 -9.74 -20.30 27.61
N HIS A 266 -10.95 -20.72 27.97
CA HIS A 266 -11.12 -22.00 28.64
C HIS A 266 -10.81 -23.18 27.71
N THR A 267 -11.30 -23.10 26.48
CA THR A 267 -11.12 -24.17 25.50
C THR A 267 -10.78 -23.59 24.14
N THR A 268 -9.75 -24.16 23.51
CA THR A 268 -9.33 -23.76 22.17
C THR A 268 -10.50 -23.82 21.20
N GLY A 269 -10.60 -22.81 20.34
CA GLY A 269 -11.66 -22.74 19.33
C GLY A 269 -13.03 -22.32 19.86
N GLU A 270 -13.13 -21.98 21.14
CA GLU A 270 -14.39 -21.55 21.73
C GLU A 270 -14.13 -20.23 22.45
N PHE A 271 -15.01 -19.24 22.23
CA PHE A 271 -14.72 -17.85 22.61
C PHE A 271 -15.65 -17.24 23.66
N ILE A 272 -16.60 -18.02 24.15
CA ILE A 272 -17.53 -17.53 25.16
C ILE A 272 -16.91 -17.59 26.55
N LYS A 273 -16.27 -18.71 26.88
CA LYS A 273 -15.82 -18.94 28.25
C LYS A 273 -14.35 -18.54 28.45
N TRP A 274 -14.13 -17.59 29.35
CA TRP A 274 -12.80 -17.11 29.72
C TRP A 274 -12.67 -17.32 31.22
N THR A 275 -11.56 -17.92 31.64
CA THR A 275 -11.36 -18.29 33.05
C THR A 275 -10.37 -17.33 33.68
N TYR A 276 -10.78 -16.70 34.77
CA TYR A 276 -9.90 -15.82 35.52
C TYR A 276 -8.84 -16.66 36.22
N LEU A 277 -7.58 -16.36 35.98
CA LEU A 277 -6.47 -17.07 36.63
C LEU A 277 -6.05 -16.34 37.89
N GLY A 278 -5.76 -15.06 37.76
CA GLY A 278 -5.32 -14.25 38.88
C GLY A 278 -4.75 -12.94 38.41
N PRO A 279 -4.34 -12.07 39.35
CA PRO A 279 -3.69 -10.81 38.97
C PRO A 279 -2.31 -11.05 38.42
N LEU A 280 -2.06 -10.49 37.23
CA LEU A 280 -0.77 -10.59 36.56
C LEU A 280 0.17 -9.53 37.11
N VAL A 281 -0.31 -8.29 37.19
CA VAL A 281 0.48 -7.19 37.73
C VAL A 281 -0.29 -6.57 38.89
N THR A 282 0.41 -6.38 40.00
CA THR A 282 -0.15 -5.77 41.20
C THR A 282 0.83 -4.69 41.63
N THR A 283 0.36 -3.45 41.69
CA THR A 283 1.18 -2.33 42.15
C THR A 283 0.46 -1.63 43.27
N GLY A 284 1.20 -0.81 44.00
CA GLY A 284 0.68 -0.12 45.18
C GLY A 284 -0.02 1.19 44.85
N TYR A 285 -0.84 1.65 45.79
CA TYR A 285 -1.54 2.93 45.69
C TYR A 285 -0.55 4.09 45.52
N LYS A 286 -0.55 4.70 44.33
CA LYS A 286 0.39 5.76 43.95
C LYS A 286 1.88 5.41 44.18
N GLU A 287 2.22 4.14 44.07
CA GLU A 287 3.60 3.65 44.14
C GLU A 287 4.39 4.17 42.93
N SER A 288 5.63 4.58 43.16
CA SER A 288 6.55 4.96 42.08
C SER A 288 7.83 4.15 42.19
N TYR A 289 8.30 3.62 41.06
CA TYR A 289 9.61 2.97 40.99
C TYR A 289 10.76 4.01 40.89
N GLY A 290 10.42 5.28 40.69
CA GLY A 290 11.38 6.37 40.75
C GLY A 290 11.28 7.33 39.60
N GLU A 291 12.30 8.17 39.51
CA GLU A 291 12.37 9.30 38.57
C GLU A 291 12.32 8.90 37.08
N TRP A 292 12.71 7.69 36.75
CA TRP A 292 12.73 7.19 35.39
C TRP A 292 11.47 6.40 35.03
N SER A 293 10.51 6.32 35.94
CA SER A 293 9.45 5.32 35.85
C SER A 293 8.02 5.85 36.05
N GLY A 294 7.85 7.16 36.10
CA GLY A 294 6.54 7.76 36.37
C GLY A 294 5.97 7.29 37.70
N ASN A 295 4.66 7.02 37.71
CA ASN A 295 3.95 6.64 38.92
C ASN A 295 2.83 5.67 38.54
N TYR A 296 2.65 4.64 39.37
CA TYR A 296 1.68 3.58 39.07
C TYR A 296 0.23 3.96 39.38
N GLY A 297 0.00 5.12 39.98
CA GLY A 297 -1.35 5.65 40.16
C GLY A 297 -2.25 4.73 40.97
N ILE A 298 -3.53 4.74 40.63
CA ILE A 298 -4.55 3.97 41.37
C ILE A 298 -5.30 2.94 40.52
N ASN A 299 -5.10 2.97 39.21
CA ASN A 299 -5.89 2.19 38.28
C ASN A 299 -5.14 2.13 36.96
N PHE A 300 -5.15 0.96 36.31
CA PHE A 300 -4.56 0.80 34.99
C PHE A 300 -5.60 0.97 33.92
N GLU A 301 -5.16 1.45 32.76
CA GLU A 301 -5.95 1.47 31.55
C GLU A 301 -5.10 1.01 30.38
N THR A 302 -5.78 0.46 29.37
CA THR A 302 -5.21 0.04 28.08
C THR A 302 -3.92 -0.78 28.19
N ALA A 303 -3.87 -1.69 29.17
CA ALA A 303 -2.67 -2.49 29.35
C ALA A 303 -2.56 -3.59 28.30
N GLY A 304 -1.34 -3.89 27.89
CA GLY A 304 -1.04 -4.99 26.98
C GLY A 304 0.18 -5.78 27.43
N VAL A 305 0.32 -6.96 26.84
CA VAL A 305 1.39 -7.90 27.17
C VAL A 305 2.07 -8.31 25.88
N THR A 306 3.40 -8.26 25.87
CA THR A 306 4.16 -8.69 24.71
C THR A 306 5.47 -9.36 25.14
N ARG A 307 6.18 -9.88 24.17
CA ARG A 307 7.47 -10.52 24.38
C ARG A 307 8.33 -10.12 23.20
N LEU A 308 9.51 -9.59 23.49
CA LEU A 308 10.36 -8.99 22.49
C LEU A 308 11.78 -9.53 22.59
N ASN A 309 12.51 -9.42 21.49
CA ASN A 309 13.95 -9.68 21.48
C ASN A 309 14.60 -8.55 20.67
N PRO A 310 15.94 -8.57 20.49
CA PRO A 310 16.55 -7.45 19.80
C PRO A 310 16.00 -7.12 18.41
N ALA A 311 15.48 -8.12 17.69
CA ALA A 311 14.96 -7.91 16.33
C ALA A 311 13.51 -7.41 16.29
N GLY A 312 12.73 -7.63 17.35
CA GLY A 312 11.31 -7.28 17.34
C GLY A 312 10.51 -8.16 18.27
N ALA A 313 9.43 -8.74 17.75
CA ALA A 313 8.58 -9.65 18.51
C ALA A 313 9.21 -11.04 18.63
N ALA A 314 9.08 -11.65 19.80
CA ALA A 314 9.58 -12.98 20.07
C ALA A 314 8.40 -13.88 20.41
N TRP A 315 8.31 -15.02 19.71
CA TRP A 315 7.21 -15.97 19.92
C TRP A 315 7.70 -17.34 20.46
N ASP A 316 8.86 -17.35 21.10
CA ASP A 316 9.40 -18.56 21.72
C ASP A 316 8.71 -18.85 23.05
N ASN A 317 8.94 -20.06 23.55
CA ASN A 317 8.34 -20.51 24.82
C ASN A 317 9.14 -20.17 26.08
N GLY A 318 10.19 -19.36 25.95
CA GLY A 318 11.15 -19.14 27.03
C GLY A 318 12.57 -19.52 26.64
N SER A 319 12.71 -20.34 25.59
CA SER A 319 14.01 -20.85 25.14
C SER A 319 14.94 -19.79 24.56
N ASP A 320 14.39 -18.68 24.05
CA ASP A 320 15.22 -17.58 23.54
C ASP A 320 15.70 -16.76 24.73
N THR A 321 16.99 -16.90 25.05
CA THR A 321 17.59 -16.18 26.17
C THR A 321 17.76 -14.67 25.91
N THR A 322 17.62 -14.22 24.66
CA THR A 322 17.65 -12.79 24.34
C THR A 322 16.27 -12.11 24.47
N ALA A 323 15.22 -12.88 24.70
CA ALA A 323 13.86 -12.36 24.73
C ALA A 323 13.49 -11.87 26.13
N VAL A 324 12.64 -10.85 26.20
CA VAL A 324 12.20 -10.24 27.45
C VAL A 324 10.68 -10.06 27.38
N ASP A 325 10.00 -10.36 28.48
CA ASP A 325 8.56 -10.15 28.61
C ASP A 325 8.29 -8.73 29.08
N PHE A 326 7.32 -8.06 28.43
CA PHE A 326 6.98 -6.69 28.74
C PHE A 326 5.48 -6.54 28.91
N VAL A 327 5.10 -5.61 29.79
CA VAL A 327 3.74 -5.13 29.90
C VAL A 327 3.78 -3.63 29.60
N THR A 328 2.84 -3.15 28.80
CA THR A 328 2.66 -1.71 28.59
C THR A 328 1.31 -1.36 29.21
N PHE A 329 1.21 -0.18 29.82
CA PHE A 329 0.00 0.18 30.57
C PHE A 329 -0.05 1.66 30.87
N GLY A 330 -1.27 2.20 30.84
CA GLY A 330 -1.53 3.54 31.33
C GLY A 330 -1.89 3.48 32.79
N THR A 331 -1.54 4.53 33.54
CA THR A 331 -1.99 4.66 34.91
C THR A 331 -2.68 6.01 35.08
N GLU A 332 -3.63 6.06 36.02
CA GLU A 332 -4.30 7.31 36.33
C GLU A 332 -4.22 7.69 37.81
N GLN A 333 -4.31 8.99 38.02
CA GLN A 333 -4.25 9.65 39.33
C GLN A 333 -2.92 9.54 40.06
N GLY A 334 -1.82 9.30 39.34
CA GLY A 334 -0.48 9.34 39.90
C GLY A 334 0.36 10.47 39.32
N ARG A 335 -0.29 11.48 38.75
CA ARG A 335 0.42 12.56 38.07
C ARG A 335 -0.33 13.87 38.28
N ALA A 336 0.40 14.94 38.54
CA ALA A 336 -0.19 16.24 38.86
C ALA A 336 -0.70 17.00 37.63
N ASP A 337 -0.29 16.58 36.44
CA ASP A 337 -0.64 17.24 35.18
C ASP A 337 -0.75 16.15 34.11
N HIS A 338 -0.71 16.48 32.88
CA HIS A 338 -0.94 15.55 31.77
C HIS A 338 -2.17 14.68 32.04
N GLN A 339 -3.26 15.37 32.34
CA GLN A 339 -4.56 14.75 32.56
C GLN A 339 -4.50 13.59 33.55
N ASN A 340 -3.59 13.71 34.51
CA ASN A 340 -3.32 12.70 35.53
C ASN A 340 -2.90 11.32 34.99
N HIS A 341 -2.34 10.99 33.93
CA HIS A 341 -1.97 9.90 33.01
C HIS A 341 -0.50 9.90 32.62
N TRP A 342 -0.13 8.60 33.04
CA TRP A 342 1.22 8.13 32.66
C TRP A 342 1.09 6.93 31.71
N PRO A 343 1.69 7.01 30.50
CA PRO A 343 1.83 5.80 29.68
C PRO A 343 3.16 5.13 29.97
N LEU A 344 3.09 3.96 30.61
CA LEU A 344 4.27 3.29 31.14
C LEU A 344 4.51 1.94 30.47
N TRP A 345 5.66 1.35 30.79
CA TRP A 345 5.97 -0.02 30.44
C TRP A 345 6.86 -0.63 31.52
N ALA A 346 6.85 -1.95 31.61
CA ALA A 346 7.71 -2.67 32.54
C ALA A 346 8.19 -3.96 31.92
N ALA A 347 9.47 -4.28 32.14
CA ALA A 347 9.98 -5.61 31.87
C ALA A 347 9.60 -6.46 33.08
N VAL A 348 9.14 -7.68 32.84
CA VAL A 348 8.63 -8.54 33.93
C VAL A 348 9.24 -9.92 33.85
N ASP A 349 9.34 -10.57 35.01
CA ASP A 349 9.70 -11.98 35.10
C ASP A 349 8.51 -12.77 35.64
N TYR A 350 8.04 -13.74 34.86
CA TYR A 350 6.85 -14.51 35.22
C TYR A 350 7.17 -15.59 36.24
N GLU A 351 6.35 -15.69 37.29
CA GLU A 351 6.38 -16.80 38.25
C GLU A 351 5.04 -17.48 38.22
N VAL A 352 5.02 -18.82 38.33
CA VAL A 352 3.79 -19.59 38.35
C VAL A 352 3.34 -19.74 39.80
N ARG A 353 2.10 -19.37 40.09
CA ARG A 353 1.52 -19.55 41.41
C ARG A 353 0.97 -20.96 41.56
N ASP A 354 0.79 -21.38 42.81
CA ASP A 354 0.24 -22.73 43.11
C ASP A 354 -1.18 -22.93 42.59
N ASN A 355 -1.98 -21.88 42.53
CA ASN A 355 -3.35 -21.98 41.98
C ASN A 355 -3.44 -21.94 40.45
N GLY A 356 -2.30 -22.05 39.75
CA GLY A 356 -2.30 -22.12 38.30
C GLY A 356 -2.49 -20.77 37.63
N SER A 357 -1.90 -19.74 38.23
CA SER A 357 -1.93 -18.37 37.68
C SER A 357 -0.49 -17.87 37.57
N ILE A 358 -0.32 -16.64 37.07
CA ILE A 358 0.98 -16.06 36.79
C ILE A 358 1.15 -14.73 37.52
N GLU A 359 2.24 -14.58 38.27
CA GLU A 359 2.65 -13.28 38.78
C GLU A 359 3.74 -12.73 37.87
N ALA A 360 3.50 -11.56 37.30
CA ALA A 360 4.50 -10.83 36.53
C ALA A 360 5.22 -9.92 37.50
N VAL A 361 6.45 -10.27 37.84
CA VAL A 361 7.23 -9.50 38.79
C VAL A 361 8.02 -8.45 38.01
N ILE A 362 7.83 -7.18 38.35
CA ILE A 362 8.49 -6.10 37.62
C ILE A 362 10.01 -6.13 37.87
N ALA A 363 10.78 -6.21 36.79
CA ALA A 363 12.25 -6.26 36.84
C ALA A 363 12.84 -4.86 36.68
N TYR A 364 12.29 -4.10 35.75
CA TYR A 364 12.57 -2.68 35.61
C TYR A 364 11.38 -2.01 34.89
N SER A 365 11.29 -0.69 34.99
CA SER A 365 10.04 0.01 34.67
C SER A 365 10.34 1.37 34.10
N GLY A 366 9.74 1.67 32.94
CA GLY A 366 9.97 2.92 32.25
C GLY A 366 8.70 3.62 31.76
N VAL A 367 8.91 4.59 30.89
CA VAL A 367 7.88 5.46 30.37
C VAL A 367 7.86 5.29 28.85
N GLN A 368 6.68 5.09 28.28
CA GLN A 368 6.56 4.90 26.84
C GLN A 368 6.62 6.23 26.07
N ASP A 369 6.07 7.28 26.67
CA ASP A 369 6.12 8.63 26.10
C ASP A 369 5.96 9.60 27.26
N TRP A 370 6.78 10.65 27.27
CA TRP A 370 6.83 11.57 28.41
C TRP A 370 5.91 12.79 28.28
N GLY A 371 5.21 12.93 27.15
CA GLY A 371 4.40 14.12 26.90
C GLY A 371 2.91 13.87 26.90
N ARG A 372 2.21 14.60 26.05
CA ARG A 372 0.74 14.60 26.01
C ARG A 372 0.21 13.45 25.17
N SER A 373 0.56 12.24 25.56
CA SER A 373 0.05 11.03 24.92
C SER A 373 -0.28 9.98 25.97
N TYR A 374 -1.12 9.04 25.56
CA TYR A 374 -1.69 8.04 26.44
C TYR A 374 -2.36 6.96 25.60
N ALA A 375 -2.78 5.87 26.25
CA ALA A 375 -3.60 4.84 25.62
C ALA A 375 -2.85 4.14 24.50
N TYR A 376 -1.60 3.77 24.76
CA TYR A 376 -0.83 3.01 23.79
C TYR A 376 -1.38 1.59 23.64
N ALA A 377 -1.54 1.16 22.40
CA ALA A 377 -1.91 -0.21 22.06
C ALA A 377 -0.78 -0.79 21.21
N SER A 378 -0.51 -2.09 21.37
CA SER A 378 0.45 -2.77 20.51
C SER A 378 -0.19 -4.00 19.89
N PHE A 379 0.30 -4.36 18.70
CA PHE A 379 -0.24 -5.47 17.96
C PHE A 379 0.84 -6.15 17.11
N PRO A 380 0.68 -7.45 16.84
CA PRO A 380 1.67 -8.17 16.05
C PRO A 380 1.58 -7.87 14.56
N VAL A 381 2.73 -7.79 13.91
CA VAL A 381 2.82 -7.54 12.48
C VAL A 381 3.81 -8.54 11.89
N GLU A 382 3.51 -9.02 10.68
CA GLU A 382 4.35 -9.98 9.93
C GLU A 382 5.81 -9.61 9.97
N GLY A 383 6.66 -10.64 9.99
CA GLY A 383 8.11 -10.43 10.05
C GLY A 383 8.61 -10.23 11.47
N TYR A 384 7.91 -10.83 12.44
CA TYR A 384 8.34 -10.81 13.82
C TYR A 384 8.44 -9.38 14.38
N ARG A 385 7.36 -8.63 14.20
CA ARG A 385 7.26 -7.26 14.69
C ARG A 385 6.13 -7.12 15.70
N GLN A 386 6.28 -6.16 16.60
CA GLN A 386 5.24 -5.75 17.53
C GLN A 386 5.22 -4.22 17.34
N VAL A 387 4.08 -3.67 16.95
CA VAL A 387 3.97 -2.26 16.60
C VAL A 387 3.03 -1.59 17.59
N SER A 388 3.43 -0.43 18.09
CA SER A 388 2.73 0.29 19.13
C SER A 388 2.33 1.67 18.60
N VAL A 389 1.15 2.12 19.00
CA VAL A 389 0.67 3.45 18.63
C VAL A 389 -0.22 3.98 19.76
N GLY A 390 -0.19 5.29 19.97
CA GLY A 390 -0.91 5.93 21.06
C GLY A 390 -1.75 7.08 20.58
N TRP A 391 -2.36 7.77 21.54
CA TRP A 391 -3.21 8.93 21.30
C TRP A 391 -2.53 10.16 21.85
N ILE A 392 -2.40 11.18 21.00
CA ILE A 392 -1.93 12.50 21.41
C ILE A 392 -3.14 13.41 21.57
N TYR A 393 -3.37 13.83 22.81
CA TYR A 393 -4.46 14.78 23.09
C TYR A 393 -4.02 16.21 22.79
N GLU A 394 -4.99 17.13 22.72
CA GLU A 394 -4.68 18.53 22.46
C GLU A 394 -4.14 19.14 23.75
N ASP A 395 -3.72 20.40 23.70
CA ASP A 395 -3.35 21.13 24.91
C ASP A 395 -4.28 22.33 25.07
N ASP A 396 -5.56 22.01 25.23
CA ASP A 396 -6.63 22.98 25.42
C ASP A 396 -7.59 22.38 26.45
N ASP A 397 -7.06 22.11 27.64
CA ASP A 397 -7.81 21.40 28.68
C ASP A 397 -9.04 22.12 29.21
N ASN A 398 -9.09 23.45 29.08
CA ASN A 398 -10.30 24.21 29.43
C ASN A 398 -11.32 24.33 28.29
N VAL A 399 -11.04 23.69 27.14
CA VAL A 399 -11.98 23.58 26.03
C VAL A 399 -12.36 24.96 25.49
N ILE A 400 -11.36 25.82 25.34
CA ILE A 400 -11.57 27.21 24.93
C ILE A 400 -11.75 27.34 23.42
N LEU A 401 -10.97 26.60 22.63
CA LEU A 401 -11.03 26.70 21.18
C LEU A 401 -11.38 25.37 20.48
N ALA A 402 -11.85 24.39 21.25
CA ALA A 402 -12.18 23.07 20.68
C ALA A 402 -13.27 23.15 19.61
N LYS A 403 -14.33 23.91 19.86
CA LYS A 403 -15.40 24.08 18.87
C LYS A 403 -14.91 24.75 17.59
N GLN A 404 -14.04 25.73 17.77
CA GLN A 404 -13.43 26.42 16.65
C GLN A 404 -12.54 25.49 15.82
N PHE A 405 -11.80 24.59 16.48
CA PHE A 405 -11.09 23.51 15.76
C PHE A 405 -12.08 22.65 14.95
N GLY A 406 -13.15 22.21 15.61
CA GLY A 406 -14.05 21.21 15.03
C GLY A 406 -13.54 19.78 15.12
N TYR A 407 -12.49 19.56 15.89
CA TYR A 407 -11.94 18.23 16.14
C TYR A 407 -11.05 18.28 17.38
N GLN A 408 -10.77 17.11 17.94
CA GLN A 408 -9.79 16.94 19.02
C GLN A 408 -9.07 15.60 18.85
N GLY A 409 -7.74 15.64 18.90
CA GLY A 409 -6.93 14.44 19.03
C GLY A 409 -6.31 13.94 17.74
N ALA A 410 -5.22 13.19 17.90
CA ALA A 410 -4.59 12.45 16.80
C ALA A 410 -3.88 11.23 17.37
N PHE A 411 -3.40 10.36 16.51
CA PHE A 411 -2.48 9.32 16.93
C PHE A 411 -1.05 9.85 17.00
N THR A 412 -0.21 9.10 17.71
CA THR A 412 1.23 9.18 17.55
C THR A 412 1.59 8.54 16.23
N LEU A 413 2.88 8.52 15.89
CA LEU A 413 3.35 7.66 14.82
C LEU A 413 3.35 6.20 15.32
N PHE A 414 3.36 5.28 14.36
CA PHE A 414 3.43 3.86 14.65
C PHE A 414 4.88 3.50 14.92
N ARG A 415 5.10 2.72 15.98
CA ARG A 415 6.44 2.46 16.49
C ARG A 415 6.71 0.97 16.56
N ASP A 416 7.84 0.54 16.00
CA ASP A 416 8.32 -0.83 16.23
C ASP A 416 8.88 -0.90 17.63
N LEU A 417 8.43 -1.90 18.39
CA LEU A 417 9.02 -2.25 19.67
C LEU A 417 10.06 -3.36 19.48
N PHE A 418 11.09 -3.32 20.30
CA PHE A 418 12.17 -4.29 20.26
C PHE A 418 12.97 -4.15 21.56
N VAL A 419 13.83 -5.11 21.85
CA VAL A 419 14.74 -5.00 22.99
C VAL A 419 15.96 -4.22 22.53
N LYS A 420 16.15 -3.03 23.09
CA LYS A 420 17.34 -2.23 22.79
C LYS A 420 18.49 -2.78 23.63
N VAL A 421 19.56 -3.17 22.96
CA VAL A 421 20.78 -3.67 23.60
C VAL A 421 21.92 -2.72 23.27
N VAL A 422 22.61 -2.20 24.30
CA VAL A 422 23.79 -1.37 24.10
C VAL A 422 24.98 -2.13 24.67
N GLU A 423 25.94 -2.44 23.81
CA GLU A 423 27.13 -3.20 24.21
C GLU A 423 28.27 -2.26 24.57
N ASN A 424 29.22 -2.79 25.32
CA ASN A 424 30.45 -2.08 25.66
C ASN A 424 30.21 -0.75 26.35
N VAL A 425 29.25 -0.74 27.28
CA VAL A 425 28.94 0.46 28.05
C VAL A 425 29.97 0.60 29.17
N SER A 426 30.43 1.83 29.36
CA SER A 426 31.39 2.17 30.41
C SER A 426 30.74 2.10 31.79
N PRO A 427 31.36 1.37 32.73
CA PRO A 427 30.88 1.38 34.12
C PRO A 427 30.85 2.73 34.82
N SER A 428 31.56 3.74 34.30
CA SER A 428 31.51 5.08 34.88
C SER A 428 30.39 5.96 34.30
N THR A 429 29.53 5.41 33.45
CA THR A 429 28.30 6.11 33.08
C THR A 429 27.54 6.49 34.36
N PRO A 430 27.30 7.79 34.58
CA PRO A 430 26.63 8.18 35.84
C PRO A 430 25.26 7.48 36.03
N GLY A 431 25.01 7.00 37.25
CA GLY A 431 23.74 6.40 37.62
C GLY A 431 23.42 5.05 36.96
N LEU A 432 24.41 4.41 36.35
CA LEU A 432 24.17 3.24 35.52
C LEU A 432 23.62 2.06 36.30
N PHE A 433 24.07 1.90 37.54
CA PHE A 433 23.72 0.71 38.33
C PHE A 433 22.47 0.90 39.16
N GLU A 434 21.83 2.05 39.04
CA GLU A 434 20.50 2.19 39.56
C GLU A 434 19.55 1.25 38.79
N GLN A 435 19.89 0.88 37.55
CA GLN A 435 19.09 -0.04 36.73
C GLN A 435 17.57 0.29 36.80
N ALA A 436 17.26 1.58 36.61
CA ALA A 436 15.86 2.04 36.83
C ALA A 436 14.87 1.58 35.74
N SER A 437 15.05 2.01 34.50
CA SER A 437 14.27 1.55 33.35
C SER A 437 15.14 0.77 32.36
N TRP A 438 16.16 0.10 32.88
CA TRP A 438 17.06 -0.74 32.09
C TRP A 438 17.68 -1.78 33.01
N SER A 439 18.29 -2.80 32.41
CA SER A 439 19.06 -3.79 33.13
C SER A 439 20.52 -3.71 32.70
N THR A 440 21.42 -4.12 33.58
CA THR A 440 22.86 -4.17 33.30
C THR A 440 23.35 -5.59 33.50
N LYS A 441 24.21 -6.06 32.61
CA LYS A 441 24.91 -7.33 32.80
C LYS A 441 26.40 -7.04 32.65
N ASN A 442 27.15 -7.22 33.71
CA ASN A 442 28.60 -7.03 33.66
C ASN A 442 29.28 -8.07 32.79
N SER A 443 30.33 -7.64 32.07
CA SER A 443 31.25 -8.57 31.44
C SER A 443 31.94 -9.40 32.52
N THR A 444 32.48 -10.55 32.11
CA THR A 444 33.23 -11.43 33.02
C THR A 444 34.31 -10.68 33.79
N ASP A 445 35.08 -9.84 33.10
CA ASP A 445 36.16 -9.08 33.73
C ASP A 445 35.73 -7.80 34.48
N GLY A 446 34.45 -7.42 34.36
CA GLY A 446 33.92 -6.26 35.08
C GLY A 446 34.24 -4.88 34.51
N MET A 447 34.87 -4.84 33.34
CA MET A 447 35.31 -3.59 32.71
C MET A 447 34.32 -3.00 31.69
N SER A 448 33.30 -3.77 31.33
CA SER A 448 32.22 -3.25 30.49
C SER A 448 30.88 -3.86 30.90
N VAL A 449 29.81 -3.24 30.40
CA VAL A 449 28.44 -3.60 30.76
C VAL A 449 27.61 -3.69 29.48
N THR A 450 26.70 -4.65 29.43
CA THR A 450 25.68 -4.70 28.41
C THR A 450 24.40 -4.14 29.04
N VAL A 451 23.83 -3.12 28.39
CA VAL A 451 22.58 -2.50 28.84
C VAL A 451 21.43 -3.01 27.99
N THR A 452 20.32 -3.35 28.66
CA THR A 452 19.11 -3.79 27.99
C THR A 452 17.96 -2.89 28.43
N THR A 453 17.14 -2.46 27.47
CA THR A 453 15.93 -1.71 27.77
C THR A 453 14.91 -1.86 26.62
N LEU A 454 13.75 -1.21 26.78
CA LEU A 454 12.76 -1.21 25.71
C LEU A 454 13.19 -0.24 24.63
N GLY A 455 13.24 -0.71 23.38
CA GLY A 455 13.48 0.15 22.24
C GLY A 455 12.17 0.52 21.56
N GLN A 456 12.11 1.75 21.05
CA GLN A 456 11.00 2.22 20.22
C GLN A 456 11.57 3.01 19.06
N ARG A 457 11.14 2.69 17.85
CA ARG A 457 11.52 3.48 16.68
C ARG A 457 10.34 3.58 15.72
N VAL A 458 10.27 4.68 14.99
CA VAL A 458 9.20 4.89 14.02
C VAL A 458 9.31 3.78 12.99
N VAL A 459 8.18 3.19 12.63
CA VAL A 459 8.18 2.12 11.64
C VAL A 459 8.87 2.60 10.35
N PRO A 460 9.69 1.73 9.75
CA PRO A 460 10.49 2.17 8.60
C PRO A 460 9.67 2.57 7.36
N GLU A 461 8.48 2.00 7.22
CA GLU A 461 7.59 2.35 6.13
C GLU A 461 7.27 3.85 6.16
N THR A 462 7.07 4.39 7.36
CA THR A 462 6.72 5.80 7.54
C THR A 462 7.94 6.69 7.26
N LEU A 463 9.10 6.31 7.80
CA LEU A 463 10.33 7.08 7.57
C LEU A 463 10.66 7.13 6.06
N ALA A 464 10.53 5.99 5.37
CA ALA A 464 10.79 5.93 3.93
C ALA A 464 9.82 6.77 3.12
N ALA A 465 8.52 6.68 3.43
CA ALA A 465 7.51 7.46 2.73
C ALA A 465 7.69 8.97 3.00
N TYR A 466 7.93 9.33 4.26
CA TYR A 466 8.17 10.73 4.63
C TYR A 466 9.35 11.30 3.84
N LYS A 467 10.48 10.61 3.90
CA LYS A 467 11.69 11.08 3.23
C LYS A 467 11.48 11.21 1.72
N GLY A 468 10.91 10.19 1.11
CA GLY A 468 10.75 10.18 -0.35
C GLY A 468 9.77 11.19 -0.90
N ASN A 469 8.79 11.59 -0.10
CA ASN A 469 7.82 12.60 -0.50
C ASN A 469 8.24 14.03 -0.12
N SER A 470 9.27 14.16 0.72
CA SER A 470 9.73 15.47 1.19
C SER A 470 10.80 16.07 0.29
N THR A 471 10.98 17.38 0.39
CA THR A 471 12.21 18.02 -0.08
C THR A 471 13.24 17.83 1.03
N VAL A 472 14.28 17.05 0.75
CA VAL A 472 15.29 16.67 1.72
C VAL A 472 16.49 17.60 1.59
N SER A 473 16.88 18.23 2.69
CA SER A 473 18.10 19.02 2.77
C SER A 473 19.06 18.35 3.73
N THR A 474 20.17 17.85 3.21
CA THR A 474 21.24 17.28 4.03
C THR A 474 22.14 18.45 4.41
N LEU A 475 22.27 18.71 5.71
CA LEU A 475 22.91 19.94 6.20
C LEU A 475 24.34 19.66 6.64
N ALA A 476 25.21 20.63 6.45
CA ALA A 476 26.60 20.53 6.87
C ALA A 476 26.67 20.42 8.40
N PRO A 477 27.65 19.66 8.93
CA PRO A 477 27.78 19.60 10.39
C PRO A 477 28.08 20.97 10.99
N VAL A 478 27.64 21.20 12.22
CA VAL A 478 27.78 22.49 12.89
C VAL A 478 28.43 22.27 14.24
N MET A 479 29.57 22.93 14.44
CA MET A 479 30.25 22.89 15.72
C MET A 479 29.73 24.07 16.54
N LEU A 480 29.14 23.76 17.70
CA LEU A 480 28.61 24.78 18.62
C LEU A 480 29.65 25.07 19.70
N ASN A 481 30.19 26.29 19.67
CA ASN A 481 31.28 26.70 20.58
C ASN A 481 31.01 28.13 21.09
N GLU A 482 32.06 28.89 21.43
CA GLU A 482 31.89 30.28 21.88
C GLU A 482 31.19 31.19 20.87
N SER A 483 31.34 30.90 19.58
CA SER A 483 30.70 31.71 18.52
C SER A 483 29.21 31.41 18.26
N ALA A 484 28.67 30.36 18.89
CA ALA A 484 27.28 29.95 18.62
C ALA A 484 26.29 30.95 19.18
N ALA A 485 25.36 31.41 18.34
CA ALA A 485 24.22 32.18 18.82
C ALA A 485 23.29 31.27 19.63
N ALA A 486 22.37 31.87 20.38
CA ALA A 486 21.36 31.10 21.12
C ALA A 486 20.56 30.23 20.15
N TYR A 487 20.17 30.82 19.03
CA TYR A 487 19.42 30.15 17.98
C TYR A 487 20.09 30.39 16.63
N THR A 488 20.37 29.29 15.91
CA THR A 488 20.96 29.36 14.58
C THR A 488 20.04 28.63 13.60
N PRO A 489 19.30 29.38 12.76
CA PRO A 489 18.45 28.76 11.75
C PRO A 489 19.22 27.80 10.85
N PHE A 490 18.58 26.71 10.44
CA PHE A 490 19.19 25.81 9.46
C PHE A 490 19.39 26.54 8.13
N SER A 491 20.40 26.13 7.38
CA SER A 491 20.70 26.72 6.06
C SER A 491 19.57 26.56 5.05
N SER A 492 18.75 25.51 5.21
CA SER A 492 17.49 25.37 4.50
C SER A 492 16.37 25.40 5.52
N GLN A 493 15.25 25.98 5.14
CA GLN A 493 14.12 26.16 6.04
C GLN A 493 12.88 25.38 5.58
N PRO A 494 12.03 24.97 6.54
CA PRO A 494 10.73 24.40 6.17
C PRO A 494 9.87 25.43 5.43
N THR A 495 8.87 24.95 4.69
CA THR A 495 7.93 25.81 3.97
C THR A 495 6.53 25.80 4.58
N ASP A 496 6.31 25.00 5.62
CA ASP A 496 4.99 24.88 6.26
C ASP A 496 5.20 24.11 7.57
N ARG A 497 4.12 23.70 8.22
CA ARG A 497 4.20 23.06 9.55
C ARG A 497 4.27 21.52 9.48
N PHE A 498 4.89 20.99 8.43
CA PHE A 498 4.95 19.55 8.19
C PHE A 498 6.36 19.19 7.79
N TYR A 499 7.15 18.79 8.77
CA TYR A 499 8.53 18.46 8.52
C TYR A 499 9.14 17.59 9.60
N ALA A 500 10.30 17.02 9.27
CA ALA A 500 11.06 16.22 10.21
C ALA A 500 12.52 16.69 10.24
N LEU A 501 13.14 16.52 11.39
CA LEU A 501 14.53 16.90 11.63
C LEU A 501 15.24 15.75 12.25
N THR A 502 16.51 15.59 11.91
CA THR A 502 17.36 14.69 12.65
C THR A 502 18.73 15.33 12.91
N GLY A 503 19.37 14.93 14.00
CA GLY A 503 20.71 15.38 14.32
C GLY A 503 21.34 14.53 15.39
N SER A 504 22.67 14.41 15.34
CA SER A 504 23.46 13.74 16.36
C SER A 504 24.28 14.79 17.09
N PHE A 505 24.06 14.91 18.39
CA PHE A 505 24.69 15.92 19.22
C PHE A 505 25.74 15.22 20.06
N GLU A 506 27.02 15.53 19.79
CA GLU A 506 28.13 14.93 20.52
C GLU A 506 28.58 15.88 21.64
N PHE A 507 28.50 15.40 22.87
CA PHE A 507 28.83 16.18 24.06
C PHE A 507 30.08 15.64 24.74
N GLY A 508 30.85 16.51 25.38
CA GLY A 508 31.93 16.07 26.28
C GLY A 508 31.35 15.34 27.48
N LEU A 509 32.11 14.39 28.02
CA LEU A 509 31.66 13.62 29.17
C LEU A 509 31.35 14.44 30.43
N ASN A 510 31.96 15.62 30.56
CA ASN A 510 31.69 16.49 31.71
C ASN A 510 31.08 17.82 31.31
N THR A 511 30.33 17.82 30.19
CA THR A 511 29.71 19.03 29.69
C THR A 511 28.71 19.61 30.67
N THR A 512 28.57 20.93 30.65
CA THR A 512 27.43 21.62 31.25
C THR A 512 26.70 22.43 30.18
N ALA A 513 27.00 22.17 28.91
CA ALA A 513 26.37 22.86 27.80
C ALA A 513 25.00 22.22 27.54
N LYS A 514 24.11 23.01 26.94
CA LYS A 514 22.81 22.51 26.48
C LYS A 514 22.71 22.77 24.98
N ALA A 515 22.05 21.86 24.27
CA ALA A 515 21.79 22.05 22.85
C ALA A 515 20.53 21.32 22.43
N GLY A 516 20.03 21.67 21.26
CA GLY A 516 18.84 21.01 20.73
C GLY A 516 18.32 21.71 19.50
N PHE A 517 17.00 21.71 19.35
CA PHE A 517 16.33 22.21 18.16
C PHE A 517 15.24 23.18 18.56
N ARG A 518 15.14 24.27 17.81
CA ARG A 518 13.99 25.15 17.85
C ARG A 518 13.15 24.85 16.63
N VAL A 519 11.83 24.77 16.82
CA VAL A 519 10.89 24.46 15.74
C VAL A 519 9.68 25.39 15.78
N LEU A 520 8.91 25.39 14.70
CA LEU A 520 7.71 26.24 14.54
C LEU A 520 8.02 27.69 14.95
N ALA A 521 9.09 28.21 14.36
CA ALA A 521 9.74 29.43 14.84
C ALA A 521 9.61 30.61 13.88
N SER A 522 9.16 31.74 14.43
CA SER A 522 9.38 33.05 13.84
C SER A 522 10.07 33.85 14.94
N GLU A 523 10.29 35.15 14.72
CA GLU A 523 10.83 36.02 15.77
C GLU A 523 10.00 36.00 17.05
N GLU A 524 8.67 35.96 16.92
CA GLU A 524 7.75 36.11 18.07
C GLU A 524 7.17 34.83 18.66
N GLU A 525 7.19 33.75 17.89
CA GLU A 525 6.69 32.45 18.39
C GLU A 525 7.69 31.37 18.04
N TYR A 526 7.92 30.48 18.99
CA TYR A 526 8.85 29.36 18.78
C TYR A 526 8.75 28.36 19.90
N THR A 527 9.19 27.14 19.62
CA THR A 527 9.18 26.05 20.58
C THR A 527 10.58 25.47 20.66
N ASP A 528 11.11 25.38 21.88
CA ASP A 528 12.51 25.02 22.09
C ASP A 528 12.64 23.64 22.71
N ILE A 529 13.37 22.77 22.01
CA ILE A 529 13.65 21.41 22.46
C ILE A 529 15.11 21.35 22.89
N TRP A 530 15.35 21.21 24.19
CA TRP A 530 16.69 21.27 24.78
C TRP A 530 17.06 19.92 25.35
N PHE A 531 18.33 19.54 25.20
CA PHE A 531 18.88 18.48 26.04
C PHE A 531 20.00 19.06 26.89
N ASP A 532 20.02 18.65 28.16
CA ASP A 532 20.95 19.15 29.19
C ASP A 532 21.57 17.91 29.81
N PRO A 533 22.70 17.44 29.23
CA PRO A 533 23.32 16.21 29.70
C PRO A 533 23.64 16.17 31.19
N ALA A 534 24.00 17.32 31.77
CA ALA A 534 24.35 17.39 33.20
C ALA A 534 23.20 16.96 34.11
N SER A 535 21.98 17.34 33.75
CA SER A 535 20.77 16.95 34.49
C SER A 535 20.07 15.69 33.93
N GLU A 536 20.46 15.29 32.70
CA GLU A 536 19.85 14.16 31.97
C GLU A 536 18.41 14.46 31.55
N ASN A 537 18.07 15.74 31.40
CA ASN A 537 16.71 16.17 31.10
C ASN A 537 16.60 16.65 29.68
N LEU A 538 15.66 16.09 28.94
CA LEU A 538 15.22 16.60 27.64
C LEU A 538 13.97 17.42 27.92
N THR A 539 13.97 18.70 27.56
CA THR A 539 12.83 19.58 27.82
C THR A 539 12.27 20.18 26.55
N VAL A 540 10.98 20.49 26.57
CA VAL A 540 10.33 21.28 25.53
C VAL A 540 9.74 22.50 26.22
N VAL A 541 10.35 23.65 25.95
CA VAL A 541 9.96 24.92 26.55
C VAL A 541 8.98 25.57 25.62
N ARG A 542 7.80 25.88 26.14
CA ARG A 542 6.68 26.34 25.33
C ARG A 542 6.13 27.69 25.78
N THR A 543 6.92 28.43 26.55
CA THR A 543 6.53 29.77 27.01
C THR A 543 6.27 30.72 25.85
N ALA A 544 6.97 30.53 24.72
CA ALA A 544 6.74 31.34 23.53
C ALA A 544 6.10 30.58 22.35
N SER A 545 5.59 29.37 22.58
CA SER A 545 5.06 28.55 21.49
C SER A 545 3.97 29.24 20.69
N SER A 546 3.13 30.03 21.37
CA SER A 546 2.00 30.70 20.70
C SER A 546 1.63 32.04 21.34
N LEU A 547 1.23 32.97 20.50
CA LEU A 547 0.61 34.24 20.94
C LEU A 547 -0.80 34.01 21.50
N ILE A 548 -1.42 32.89 21.17
CA ILE A 548 -2.75 32.55 21.70
C ILE A 548 -2.54 32.02 23.11
N LYS A 549 -3.06 32.72 24.11
CA LYS A 549 -2.70 32.45 25.51
C LYS A 549 -3.49 31.32 26.20
N SER A 550 -4.55 30.83 25.56
CA SER A 550 -5.40 29.79 26.18
C SER A 550 -4.84 28.38 26.08
N PHE A 551 -3.87 28.14 25.20
CA PHE A 551 -3.25 26.81 25.08
C PHE A 551 -2.23 26.56 26.18
N GLY A 552 -1.97 25.29 26.47
CA GLY A 552 -0.98 24.94 27.49
C GLY A 552 0.40 25.43 27.13
N ASN A 553 1.15 25.84 28.14
CA ASN A 553 2.50 26.34 27.93
C ASN A 553 3.52 25.79 28.92
N ASP A 554 3.16 24.72 29.62
CA ASP A 554 4.06 24.12 30.59
C ASP A 554 5.21 23.41 29.88
N THR A 555 6.34 23.34 30.58
CA THR A 555 7.54 22.73 30.04
C THR A 555 7.42 21.20 30.10
N GLU A 556 7.62 20.54 28.96
CA GLU A 556 7.64 19.08 28.92
C GLU A 556 9.03 18.63 29.38
N LEU A 557 9.10 17.43 29.97
CA LEU A 557 10.36 16.89 30.45
C LEU A 557 10.42 15.37 30.30
N ALA A 558 11.52 14.89 29.72
CA ALA A 558 11.86 13.47 29.68
C ALA A 558 13.27 13.25 30.25
N LYS A 559 13.47 12.12 30.93
CA LYS A 559 14.83 11.68 31.31
C LYS A 559 15.42 10.87 30.17
N VAL A 560 16.68 11.13 29.82
CA VAL A 560 17.40 10.37 28.81
C VAL A 560 18.77 10.00 29.35
N LYS A 561 19.06 8.70 29.39
CA LYS A 561 20.36 8.18 29.81
C LYS A 561 21.26 8.03 28.60
N LEU A 562 22.33 8.82 28.54
CA LEU A 562 23.34 8.62 27.51
C LEU A 562 24.31 7.55 28.04
N TYR A 563 24.18 6.33 27.51
CA TYR A 563 25.05 5.23 27.93
C TYR A 563 26.41 5.48 27.29
N GLU A 564 27.42 5.75 28.11
CA GLU A 564 28.75 6.10 27.63
C GLU A 564 29.46 4.82 27.20
N ILE A 565 30.15 4.86 26.07
CA ILE A 565 30.79 3.66 25.50
C ILE A 565 32.26 3.59 25.94
N VAL A 566 32.73 2.38 26.26
CA VAL A 566 34.11 2.16 26.70
C VAL A 566 35.07 2.72 25.65
N GLY A 567 36.01 3.56 26.09
CA GLY A 567 36.99 4.16 25.20
C GLY A 567 36.57 5.47 24.58
N ALA A 568 35.29 5.84 24.65
CA ALA A 568 34.81 7.08 24.07
C ALA A 568 35.16 8.24 24.99
N GLU A 569 35.47 9.38 24.39
CA GLU A 569 35.71 10.61 25.13
C GLU A 569 34.56 11.60 24.93
N SER A 570 33.41 11.08 24.52
CA SER A 570 32.22 11.91 24.33
C SER A 570 30.99 11.02 24.48
N LYS A 571 29.82 11.67 24.50
CA LYS A 571 28.54 10.96 24.58
C LYS A 571 27.57 11.65 23.63
N THR A 572 26.73 10.85 22.97
CA THR A 572 25.95 11.31 21.83
C THR A 572 24.43 11.12 22.02
N LEU A 573 23.70 12.16 21.66
CA LEU A 573 22.24 12.16 21.60
C LEU A 573 21.84 12.27 20.14
N ASN A 574 21.25 11.20 19.62
CA ASN A 574 20.51 11.19 18.36
C ASN A 574 19.05 11.58 18.53
N LEU A 575 18.70 12.74 18.00
CA LEU A 575 17.41 13.36 18.23
C LEU A 575 16.70 13.45 16.89
N THR A 576 15.49 12.91 16.82
CA THR A 576 14.63 13.02 15.65
C THR A 576 13.34 13.72 16.07
N VAL A 577 12.90 14.70 15.28
CA VAL A 577 11.72 15.50 15.61
C VAL A 577 10.79 15.56 14.42
N PHE A 578 9.52 15.25 14.67
CA PHE A 578 8.46 15.37 13.68
C PHE A 578 7.55 16.53 14.09
N VAL A 579 7.35 17.43 13.13
CA VAL A 579 6.46 18.57 13.28
C VAL A 579 5.34 18.37 12.28
N ASP A 580 4.11 18.32 12.78
CA ASP A 580 2.96 17.94 11.99
C ASP A 580 1.73 18.71 12.46
N GLY A 581 1.54 19.90 11.90
CA GLY A 581 0.48 20.80 12.31
C GLY A 581 0.85 21.36 13.66
N SER A 582 0.16 20.88 14.69
CA SER A 582 0.44 21.23 16.07
C SER A 582 1.21 20.16 16.84
N VAL A 583 1.35 18.96 16.28
CA VAL A 583 2.08 17.90 16.96
C VAL A 583 3.57 18.14 16.81
N ILE A 584 4.28 18.01 17.93
CA ILE A 584 5.74 17.90 17.94
C ILE A 584 6.03 16.57 18.62
N GLU A 585 6.63 15.64 17.88
CA GLU A 585 6.88 14.30 18.38
C GLU A 585 8.36 14.03 18.28
N ILE A 586 8.97 13.77 19.45
CA ILE A 586 10.42 13.71 19.59
C ILE A 586 10.84 12.31 19.95
N TYR A 587 11.89 11.82 19.27
CA TYR A 587 12.48 10.53 19.55
C TYR A 587 13.96 10.70 19.85
N ALA A 588 14.43 10.08 20.92
CA ALA A 588 15.86 10.08 21.26
C ALA A 588 16.40 8.66 21.33
N ASN A 589 17.18 8.52 20.71
CA ASN A 589 18.03 7.33 20.70
C ASN A 589 17.28 6.01 20.47
N ASP A 590 16.35 5.95 19.70
CA ASP A 590 15.43 4.81 19.50
C ASP A 590 14.95 4.21 20.83
N GLU A 591 14.62 5.10 21.77
CA GLU A 591 14.36 4.71 23.14
C GLU A 591 13.34 5.63 23.80
N VAL A 592 13.62 6.93 23.82
CA VAL A 592 12.80 7.91 24.54
C VAL A 592 11.90 8.64 23.55
N ALA A 593 10.62 8.76 23.90
CA ALA A 593 9.65 9.46 23.05
C ALA A 593 8.98 10.54 23.89
N LEU A 594 8.70 11.68 23.26
CA LEU A 594 8.00 12.77 23.92
C LEU A 594 7.13 13.47 22.87
N SER A 595 5.81 13.38 23.03
CA SER A 595 4.83 13.97 22.12
C SER A 595 4.25 15.20 22.80
N THR A 596 4.15 16.31 22.09
CA THR A 596 3.54 17.50 22.67
C THR A 596 2.85 18.33 21.59
N ARG A 597 2.36 19.51 21.99
CA ARG A 597 1.55 20.37 21.13
C ARG A 597 2.04 21.82 21.16
N ALA A 598 2.02 22.46 20.00
CA ALA A 598 2.30 23.91 19.89
C ALA A 598 1.39 24.49 18.84
N TYR A 599 0.78 25.63 19.16
CA TYR A 599 -0.22 26.24 18.30
C TYR A 599 0.10 27.70 17.95
N PRO A 600 1.27 27.96 17.36
CA PRO A 600 1.57 29.35 16.95
C PRO A 600 0.55 29.88 15.96
N TRP A 601 0.18 31.14 16.14
CA TRP A 601 -0.78 31.79 15.27
C TRP A 601 -0.21 32.25 13.93
N LEU A 602 1.00 32.80 13.95
CA LEU A 602 1.53 33.49 12.77
C LEU A 602 1.87 32.50 11.66
N ALA A 603 1.51 32.88 10.43
CA ALA A 603 1.76 32.04 9.26
C ALA A 603 3.23 31.70 9.06
N ASN A 604 4.12 32.61 9.44
CA ASN A 604 5.56 32.38 9.29
C ASN A 604 6.25 31.75 10.51
N SER A 605 5.49 31.28 11.51
CA SER A 605 6.07 30.52 12.62
C SER A 605 6.27 29.04 12.23
N THR A 606 7.11 28.83 11.22
CA THR A 606 7.42 27.51 10.67
C THR A 606 8.91 27.18 10.66
N GLY A 607 9.77 28.14 11.05
CA GLY A 607 11.21 27.96 10.94
C GLY A 607 11.79 26.99 11.95
N ALA A 608 13.02 26.58 11.69
CA ALA A 608 13.74 25.67 12.57
C ALA A 608 15.24 25.84 12.51
N GLY A 609 15.90 25.41 13.56
CA GLY A 609 17.36 25.48 13.64
C GLY A 609 17.88 24.93 14.94
N LEU A 610 19.15 25.22 15.20
CA LEU A 610 19.86 24.70 16.35
C LEU A 610 19.83 25.64 17.53
N LEU A 611 19.75 25.05 18.72
CA LEU A 611 19.80 25.78 19.98
C LEU A 611 21.11 25.45 20.68
N ALA A 612 21.67 26.45 21.34
CA ALA A 612 22.94 26.33 22.06
C ALA A 612 22.92 27.22 23.29
N ASP A 613 23.34 26.69 24.43
CA ASP A 613 23.42 27.43 25.67
C ASP A 613 24.62 26.95 26.47
N GLY A 614 25.52 27.87 26.82
CA GLY A 614 26.73 27.53 27.54
C GLY A 614 27.74 26.76 26.72
N THR A 615 27.69 26.87 25.39
CA THR A 615 28.74 26.32 24.55
C THR A 615 29.87 27.36 24.50
N THR A 616 31.09 26.88 24.70
CA THR A 616 32.29 27.72 24.78
C THR A 616 33.40 27.12 23.94
N ALA A 617 34.56 27.78 23.91
CA ALA A 617 35.75 27.23 23.25
C ALA A 617 36.14 25.87 23.83
N GLY A 618 35.94 25.69 25.13
CA GLY A 618 36.29 24.46 25.82
C GLY A 618 35.16 23.44 25.93
N ASP A 619 33.93 23.91 26.06
CA ASP A 619 32.76 23.02 26.23
C ASP A 619 31.96 23.12 24.94
N VAL A 620 32.27 22.22 24.01
CA VAL A 620 31.83 22.31 22.64
C VAL A 620 30.78 21.21 22.37
N VAL A 621 29.81 21.49 21.52
CA VAL A 621 28.82 20.48 21.10
C VAL A 621 28.89 20.31 19.60
N GLY A 622 29.29 19.13 19.15
CA GLY A 622 29.42 18.83 17.74
C GLY A 622 28.12 18.25 17.22
N VAL A 623 27.51 18.93 16.26
CA VAL A 623 26.27 18.46 15.66
C VAL A 623 26.56 17.96 14.24
N SER A 624 26.16 16.72 13.97
CA SER A 624 26.36 16.07 12.67
C SER A 624 25.14 15.23 12.32
N GLY A 625 25.15 14.61 11.13
CA GLY A 625 24.01 13.85 10.64
C GLY A 625 22.75 14.69 10.56
N LEU A 626 22.90 15.98 10.26
CA LEU A 626 21.78 16.92 10.23
C LEU A 626 21.01 16.78 8.92
N GLU A 627 19.69 16.70 9.02
CA GLU A 627 18.85 16.56 7.86
C GLU A 627 17.45 17.10 8.14
N LEU A 628 16.92 17.85 7.17
CA LEU A 628 15.57 18.37 7.19
C LEU A 628 14.75 17.70 6.09
N TRP A 629 13.59 17.16 6.46
CA TRP A 629 12.62 16.66 5.48
C TRP A 629 11.43 17.61 5.47
N ASP A 630 11.27 18.38 4.41
CA ASP A 630 10.17 19.33 4.31
C ASP A 630 8.99 18.74 3.52
N GLY A 631 7.83 18.64 4.16
CA GLY A 631 6.58 18.26 3.50
C GLY A 631 5.95 17.00 4.07
N LEU A 632 6.76 16.00 4.35
CA LEU A 632 6.29 14.67 4.78
C LEU A 632 5.31 14.09 3.75
N VAL A 633 4.24 13.43 4.20
CA VAL A 633 3.29 12.74 3.33
C VAL A 633 1.89 13.25 3.65
N ASP A 634 1.05 13.34 2.64
CA ASP A 634 -0.39 13.54 2.80
C ASP A 634 -0.99 12.20 3.25
N ALA A 635 -1.23 12.04 4.56
CA ALA A 635 -1.65 10.75 5.12
C ALA A 635 -3.06 10.32 4.73
N TRP A 636 -3.91 11.26 4.33
CA TRP A 636 -5.30 10.98 3.97
C TRP A 636 -5.62 11.55 2.59
N PRO A 637 -5.05 10.94 1.54
CA PRO A 637 -5.15 11.55 0.21
C PRO A 637 -6.55 11.70 -0.34
N ALA A 638 -7.50 10.84 0.06
CA ALA A 638 -8.87 10.96 -0.40
C ALA A 638 -9.67 12.05 0.32
N ARG A 639 -9.19 12.51 1.48
CA ARG A 639 -9.93 13.52 2.23
C ARG A 639 -9.67 14.90 1.65
N PRO A 640 -10.72 15.73 1.49
CA PRO A 640 -10.45 17.15 1.25
C PRO A 640 -9.80 17.81 2.48
N ALA A 641 -9.37 19.07 2.32
CA ALA A 641 -8.70 19.79 3.41
C ALA A 641 -9.61 19.94 4.62
N ASN A 642 -10.88 20.25 4.37
CA ASN A 642 -11.86 20.45 5.41
C ASN A 642 -12.88 19.32 5.39
N THR A 643 -12.73 18.37 6.32
CA THR A 643 -13.66 17.24 6.47
C THR A 643 -14.65 17.45 7.60
N SER A 644 -14.76 18.66 8.14
CA SER A 644 -15.80 18.96 9.11
C SER A 644 -17.18 18.67 8.53
N GLN A 645 -18.06 18.16 9.38
CA GLN A 645 -19.48 18.04 9.05
C GLN A 645 -20.31 18.90 9.98
N GLY A 646 -19.69 19.91 10.60
CA GLY A 646 -20.36 20.70 11.62
C GLY A 646 -20.40 19.97 12.96
N LEU A 647 -20.80 20.70 13.99
CA LEU A 647 -20.89 20.19 15.34
C LEU A 647 -22.33 20.27 15.80
N VAL A 648 -22.72 19.38 16.70
CA VAL A 648 -24.09 19.33 17.20
C VAL A 648 -24.09 19.26 18.71
N TRP A 649 -25.23 19.65 19.29
CA TRP A 649 -25.47 19.57 20.72
C TRP A 649 -26.51 18.48 20.98
N ASP A 650 -26.26 17.69 22.03
CA ASP A 650 -27.19 16.61 22.42
C ASP A 650 -28.50 17.13 23.01
N GLY A 651 -28.51 18.39 23.43
CA GLY A 651 -29.69 19.01 24.00
C GLY A 651 -29.74 18.84 25.50
N PRO A 652 -30.85 19.28 26.12
CA PRO A 652 -30.98 19.26 27.57
C PRO A 652 -30.93 17.87 28.21
N THR A 653 -31.24 16.81 27.45
CA THR A 653 -31.17 15.46 28.02
C THR A 653 -29.75 15.00 28.36
N ALA A 654 -28.72 15.62 27.79
CA ALA A 654 -27.35 15.20 28.11
C ALA A 654 -27.08 15.34 29.59
N ALA A 655 -27.47 16.48 30.17
CA ALA A 655 -27.34 16.70 31.60
C ALA A 655 -28.26 15.81 32.43
N MET A 656 -29.45 15.49 31.91
CA MET A 656 -30.36 14.57 32.61
C MET A 656 -29.78 13.15 32.72
N TYR A 657 -29.28 12.63 31.61
CA TYR A 657 -28.66 11.28 31.62
C TYR A 657 -27.35 11.29 32.39
N GLY A 658 -26.60 12.39 32.29
CA GLY A 658 -25.37 12.59 33.07
C GLY A 658 -24.17 11.76 32.60
N LEU A 659 -24.23 11.22 31.39
CA LEU A 659 -23.20 10.32 30.88
C LEU A 659 -22.16 11.02 30.04
N PHE A 660 -22.61 11.94 29.19
CA PHE A 660 -21.75 12.62 28.23
C PHE A 660 -21.92 14.13 28.39
N ALA A 661 -20.86 14.89 28.12
CA ALA A 661 -20.94 16.35 28.19
C ALA A 661 -22.06 16.89 27.29
N GLY A 662 -22.21 16.32 26.10
CA GLY A 662 -23.29 16.66 25.19
C GLY A 662 -22.86 17.47 23.96
N TYR A 663 -21.59 17.82 23.90
CA TYR A 663 -21.07 18.63 22.79
C TYR A 663 -19.67 18.18 22.46
N CYS B 40 -5.77 -40.51 -12.66
CA CYS B 40 -5.05 -39.20 -12.55
C CYS B 40 -4.02 -39.21 -11.43
N SER B 41 -2.75 -39.31 -11.81
CA SER B 41 -1.65 -39.16 -10.88
C SER B 41 -1.14 -37.72 -10.98
N LEU B 42 -0.88 -37.11 -9.82
CA LEU B 42 -0.26 -35.79 -9.76
C LEU B 42 1.19 -35.91 -9.33
N ASP B 43 1.83 -37.04 -9.64
CA ASP B 43 3.23 -37.28 -9.26
C ASP B 43 4.12 -36.54 -10.24
N GLN B 44 4.69 -35.43 -9.77
CA GLN B 44 5.59 -34.60 -10.59
C GLN B 44 7.06 -35.03 -10.51
N THR B 45 7.35 -36.20 -9.92
CA THR B 45 8.69 -36.79 -9.98
C THR B 45 8.85 -37.80 -11.11
N VAL B 46 7.75 -38.11 -11.81
CA VAL B 46 7.78 -39.02 -12.97
C VAL B 46 7.06 -38.37 -14.15
N ALA B 47 7.19 -38.97 -15.33
CA ALA B 47 6.53 -38.46 -16.54
C ALA B 47 5.01 -38.29 -16.33
N PRO B 48 4.41 -37.30 -17.01
CA PRO B 48 2.97 -37.08 -16.83
C PRO B 48 2.16 -38.20 -17.48
N GLY B 49 1.08 -38.60 -16.82
CA GLY B 49 0.15 -39.55 -17.42
C GLY B 49 -0.80 -38.86 -18.39
N ASN B 50 -2.00 -39.43 -18.50
CA ASN B 50 -3.08 -38.82 -19.24
C ASN B 50 -3.79 -37.84 -18.29
N LEU B 51 -3.39 -36.58 -18.36
CA LEU B 51 -3.94 -35.57 -17.44
C LEU B 51 -5.38 -35.16 -17.78
N THR B 52 -5.87 -35.51 -18.98
CA THR B 52 -7.28 -35.31 -19.33
C THR B 52 -8.25 -36.15 -18.48
N LEU B 53 -7.74 -37.19 -17.82
CA LEU B 53 -8.53 -37.96 -16.85
C LEU B 53 -8.70 -37.28 -15.50
N CYS B 54 -7.91 -36.24 -15.23
CA CYS B 54 -7.99 -35.53 -13.96
C CYS B 54 -9.28 -34.71 -13.85
N GLY B 55 -9.74 -34.54 -12.61
CA GLY B 55 -10.97 -33.80 -12.33
C GLY B 55 -10.81 -32.29 -12.48
N ASN B 56 -11.94 -31.60 -12.34
CA ASN B 56 -11.95 -30.14 -12.46
C ASN B 56 -11.07 -29.49 -11.39
N ALA B 57 -10.22 -28.55 -11.80
CA ALA B 57 -9.37 -27.80 -10.87
C ALA B 57 -8.37 -28.65 -10.06
N THR B 58 -8.10 -29.89 -10.51
CA THR B 58 -7.09 -30.73 -9.86
C THR B 58 -5.68 -30.24 -10.18
N LEU B 59 -5.51 -29.51 -11.29
CA LEU B 59 -4.24 -28.87 -11.62
C LEU B 59 -4.24 -27.35 -11.32
N PHE B 60 -5.01 -26.94 -10.32
CA PHE B 60 -5.22 -25.51 -10.06
C PHE B 60 -3.91 -24.80 -9.70
N THR B 61 -3.15 -25.36 -8.77
CA THR B 61 -1.89 -24.72 -8.34
C THR B 61 -0.66 -25.08 -9.17
N THR B 62 -0.74 -26.13 -9.99
CA THR B 62 0.42 -26.71 -10.68
C THR B 62 1.22 -25.73 -11.53
N PHE B 63 0.52 -24.93 -12.32
CA PHE B 63 1.14 -23.99 -13.26
C PHE B 63 0.77 -22.52 -12.97
N ARG B 64 0.18 -22.26 -11.81
CA ARG B 64 -0.53 -21.01 -11.60
C ARG B 64 0.42 -19.88 -11.18
N PRO B 65 0.34 -18.72 -11.87
CA PRO B 65 1.11 -17.56 -11.38
C PRO B 65 0.72 -17.16 -9.96
N LYS B 66 1.70 -16.71 -9.18
CA LYS B 66 1.50 -16.23 -7.81
C LYS B 66 1.87 -14.75 -7.60
N ALA B 67 2.63 -14.15 -8.50
CA ALA B 67 3.23 -12.84 -8.28
C ALA B 67 2.62 -11.72 -9.12
N ARG B 68 1.45 -11.98 -9.71
CA ARG B 68 0.82 -11.04 -10.63
C ARG B 68 -0.70 -11.01 -10.49
N PHE B 69 -1.31 -10.08 -11.19
CA PHE B 69 -2.76 -9.97 -11.18
C PHE B 69 -3.37 -11.15 -11.94
N ILE B 70 -4.32 -11.81 -11.28
CA ILE B 70 -5.07 -12.92 -11.86
C ILE B 70 -6.38 -13.02 -11.10
N ALA B 71 -7.45 -13.45 -11.78
CA ALA B 71 -8.73 -13.68 -11.13
C ALA B 71 -8.62 -14.78 -10.07
N PRO B 72 -9.56 -14.81 -9.10
CA PRO B 72 -9.52 -15.91 -8.14
C PRO B 72 -9.69 -17.30 -8.76
N GLU B 73 -10.47 -17.37 -9.83
CA GLU B 73 -10.71 -18.64 -10.54
C GLU B 73 -11.43 -18.35 -11.84
N GLY B 74 -11.53 -19.37 -12.68
CA GLY B 74 -12.32 -19.28 -13.89
C GLY B 74 -11.67 -18.46 -14.98
N TRP B 75 -12.52 -18.00 -15.89
CA TRP B 75 -12.08 -17.32 -17.09
C TRP B 75 -11.85 -15.84 -16.84
N MET B 76 -10.74 -15.31 -17.34
CA MET B 76 -10.54 -13.87 -17.46
C MET B 76 -9.95 -13.52 -18.81
N ASN B 77 -10.24 -12.31 -19.27
CA ASN B 77 -9.52 -11.74 -20.40
C ASN B 77 -9.11 -10.27 -20.15
N ALA B 78 -9.60 -9.34 -20.96
CA ALA B 78 -9.06 -7.98 -21.03
C ALA B 78 -9.14 -7.22 -19.70
N PRO B 79 -8.07 -6.48 -19.33
CA PRO B 79 -8.22 -5.44 -18.33
C PRO B 79 -9.25 -4.42 -18.73
N MET B 80 -9.90 -3.80 -17.75
CA MET B 80 -10.90 -2.78 -17.99
C MET B 80 -11.09 -1.92 -16.75
N GLY B 81 -11.74 -0.79 -16.93
CA GLY B 81 -12.12 0.08 -15.82
C GLY B 81 -10.98 0.52 -14.94
N LEU B 82 -9.79 0.71 -15.52
CA LEU B 82 -8.59 1.04 -14.76
C LEU B 82 -8.57 2.51 -14.34
N TYR B 83 -8.36 2.75 -13.04
CA TYR B 83 -8.16 4.12 -12.56
C TYR B 83 -7.49 4.17 -11.21
N GLN B 84 -6.79 5.27 -10.97
CA GLN B 84 -6.23 5.55 -9.67
C GLN B 84 -7.31 6.25 -8.85
N ARG B 85 -7.69 5.63 -7.74
CA ARG B 85 -8.76 6.15 -6.89
C ARG B 85 -8.26 7.36 -6.09
N ALA B 86 -9.19 8.08 -5.46
CA ALA B 86 -8.87 9.31 -4.69
C ALA B 86 -7.84 9.07 -3.57
N ASP B 87 -7.85 7.87 -2.99
CA ASP B 87 -6.87 7.52 -1.93
C ASP B 87 -5.49 7.11 -2.46
N GLY B 88 -5.30 7.16 -3.78
CA GLY B 88 -4.03 6.82 -4.39
C GLY B 88 -3.91 5.37 -4.82
N SER B 89 -4.83 4.50 -4.37
CA SER B 89 -4.79 3.10 -4.74
C SER B 89 -5.23 2.92 -6.20
N ILE B 90 -4.90 1.74 -6.73
CA ILE B 90 -5.22 1.40 -8.12
C ILE B 90 -6.41 0.46 -8.14
N HIS B 91 -7.49 0.59 -8.79
CA HIS B 91 -8.62 -0.14 -9.33
C HIS B 91 -8.29 -0.57 -10.75
N ALA B 92 -8.43 -2.01 -10.54
CA ALA B 92 -8.30 -2.76 -11.77
C ALA B 92 -9.50 -3.64 -11.95
N GLY B 93 -10.18 -3.46 -13.08
CA GLY B 93 -11.24 -4.37 -13.52
C GLY B 93 -10.70 -5.34 -14.55
N TYR B 94 -11.47 -6.39 -14.80
CA TYR B 94 -11.16 -7.34 -15.85
C TYR B 94 -12.39 -8.08 -16.34
N GLN B 95 -12.39 -8.40 -17.62
CA GLN B 95 -13.40 -9.26 -18.21
C GLN B 95 -13.33 -10.61 -17.52
N SER B 96 -14.46 -11.08 -17.00
CA SER B 96 -14.52 -12.20 -16.08
C SER B 96 -15.73 -13.10 -16.32
N HIS B 97 -15.51 -14.42 -16.29
CA HIS B 97 -16.57 -15.42 -16.27
C HIS B 97 -16.24 -16.48 -15.22
N PRO B 98 -16.66 -16.21 -13.97
CA PRO B 98 -16.39 -17.16 -12.88
C PRO B 98 -16.99 -18.54 -13.11
N LYS B 99 -16.30 -19.56 -12.60
CA LYS B 99 -16.78 -20.95 -12.59
C LYS B 99 -16.96 -21.55 -14.00
N HIS B 100 -16.29 -20.94 -14.98
CA HIS B 100 -16.25 -21.40 -16.35
C HIS B 100 -14.80 -21.25 -16.80
N ILE B 101 -14.42 -21.98 -17.86
CA ILE B 101 -13.07 -21.84 -18.45
C ILE B 101 -13.10 -21.40 -19.93
N GLN B 102 -14.27 -21.01 -20.40
CA GLN B 102 -14.41 -20.27 -21.64
C GLN B 102 -15.21 -19.01 -21.37
N TRP B 103 -15.06 -18.06 -22.27
CA TRP B 103 -15.75 -16.76 -22.24
C TRP B 103 -17.28 -16.89 -22.24
N GLY B 104 -17.93 -15.96 -21.54
CA GLY B 104 -19.39 -15.88 -21.56
C GLY B 104 -19.88 -14.99 -20.44
N ASN B 105 -21.14 -14.58 -20.53
CA ASN B 105 -21.79 -13.68 -19.57
C ASN B 105 -20.84 -12.62 -19.06
N ILE B 106 -20.10 -12.01 -19.98
CA ILE B 106 -18.85 -11.41 -19.58
C ILE B 106 -19.14 -10.20 -18.68
N SER B 107 -18.40 -10.14 -17.58
CA SER B 107 -18.66 -9.21 -16.47
C SER B 107 -17.35 -8.54 -16.07
N GLN B 108 -17.45 -7.48 -15.27
CA GLN B 108 -16.26 -6.88 -14.67
C GLN B 108 -16.00 -7.51 -13.29
N GLY B 109 -14.90 -8.25 -13.20
CA GLY B 109 -14.31 -8.61 -11.92
C GLY B 109 -13.39 -7.48 -11.51
N ALA B 110 -13.13 -7.31 -10.21
CA ALA B 110 -12.32 -6.19 -9.78
C ALA B 110 -11.53 -6.43 -8.50
N ALA B 111 -10.47 -5.65 -8.36
CA ALA B 111 -9.60 -5.70 -7.20
C ALA B 111 -8.86 -4.37 -7.10
N TYR B 112 -8.18 -4.16 -5.98
CA TYR B 112 -7.43 -2.93 -5.75
C TYR B 112 -6.07 -3.17 -5.10
N SER B 113 -5.17 -2.21 -5.27
CA SER B 113 -3.81 -2.30 -4.77
C SER B 113 -3.25 -0.90 -4.54
N SER B 114 -2.44 -0.76 -3.51
CA SER B 114 -1.75 0.51 -3.28
C SER B 114 -0.40 0.60 -4.00
N ASP B 115 0.07 -0.50 -4.60
CA ASP B 115 1.43 -0.51 -5.19
C ASP B 115 1.56 -1.31 -6.51
N PHE B 116 0.45 -1.52 -7.21
CA PHE B 116 0.37 -2.37 -8.42
C PHE B 116 0.68 -3.85 -8.21
N THR B 117 1.05 -4.27 -7.00
CA THR B 117 1.78 -5.51 -6.81
C THR B 117 1.07 -6.48 -5.86
N SER B 118 0.69 -5.99 -4.69
CA SER B 118 -0.12 -6.73 -3.73
C SER B 118 -1.56 -6.28 -3.85
N TRP B 119 -2.46 -7.23 -4.12
CA TRP B 119 -3.86 -6.94 -4.46
C TRP B 119 -4.86 -7.53 -3.48
N THR B 120 -6.04 -6.93 -3.45
CA THR B 120 -7.16 -7.37 -2.64
C THR B 120 -8.41 -7.41 -3.51
N ASP B 121 -9.13 -8.52 -3.47
CA ASP B 121 -10.38 -8.67 -4.22
C ASP B 121 -11.47 -7.83 -3.58
N PHE B 122 -12.35 -7.24 -4.40
CA PHE B 122 -13.65 -6.78 -3.92
C PHE B 122 -14.49 -8.03 -3.60
N ASN B 123 -15.36 -7.91 -2.61
CA ASN B 123 -16.29 -8.99 -2.23
C ASN B 123 -17.65 -8.35 -1.94
N GLY B 124 -18.61 -8.62 -2.80
CA GLY B 124 -19.95 -8.08 -2.67
C GLY B 124 -20.97 -9.17 -2.91
N SER B 125 -22.18 -8.78 -3.25
CA SER B 125 -23.26 -9.74 -3.47
C SER B 125 -22.99 -10.68 -4.64
N GLU B 126 -22.20 -10.24 -5.62
CA GLU B 126 -21.78 -11.11 -6.73
C GLU B 126 -20.31 -11.52 -6.64
N GLY B 127 -19.85 -11.78 -5.42
CA GLY B 127 -18.47 -12.22 -5.21
C GLY B 127 -17.50 -11.11 -5.58
N TYR B 128 -16.59 -11.42 -6.49
CA TYR B 128 -15.60 -10.43 -6.94
C TYR B 128 -16.03 -9.66 -8.18
N LYS B 129 -17.23 -9.94 -8.70
CA LYS B 129 -17.79 -9.13 -9.78
C LYS B 129 -18.33 -7.80 -9.24
N THR B 130 -18.23 -6.76 -10.06
CA THR B 130 -18.84 -5.47 -9.74
C THR B 130 -19.76 -4.89 -10.83
N ILE B 131 -19.68 -5.41 -12.05
CA ILE B 131 -20.65 -5.10 -13.10
C ILE B 131 -20.92 -6.39 -13.86
N TRP B 132 -22.18 -6.63 -14.20
CA TRP B 132 -22.59 -7.87 -14.87
C TRP B 132 -23.76 -7.58 -15.81
N PRO B 133 -23.95 -8.43 -16.83
CA PRO B 133 -25.16 -8.32 -17.67
C PRO B 133 -26.44 -8.33 -16.84
N SER B 134 -27.30 -7.32 -17.04
CA SER B 134 -28.52 -7.19 -16.28
C SER B 134 -29.70 -6.51 -16.99
N GLN B 135 -29.49 -5.98 -18.18
CA GLN B 135 -30.47 -5.15 -18.88
C GLN B 135 -30.50 -5.60 -20.33
N ILE B 136 -31.60 -5.34 -21.02
CA ILE B 136 -31.71 -5.73 -22.44
C ILE B 136 -30.50 -5.22 -23.28
N TYR B 137 -30.00 -4.04 -22.95
CA TYR B 137 -28.92 -3.40 -23.70
C TYR B 137 -27.52 -3.99 -23.44
N ASP B 138 -27.32 -4.65 -22.29
CA ASP B 138 -26.03 -5.31 -21.98
C ASP B 138 -26.11 -6.78 -21.59
N ILE B 139 -27.26 -7.44 -21.80
CA ILE B 139 -27.47 -8.82 -21.35
C ILE B 139 -26.54 -9.84 -22.01
N ARG B 140 -26.02 -9.53 -23.20
CA ARG B 140 -25.14 -10.43 -23.91
C ARG B 140 -23.68 -10.31 -23.44
N GLY B 141 -23.38 -9.29 -22.61
CA GLY B 141 -22.03 -9.09 -22.10
C GLY B 141 -21.76 -7.62 -21.79
N VAL B 142 -21.10 -7.42 -20.64
CA VAL B 142 -20.53 -6.14 -20.24
C VAL B 142 -19.09 -6.19 -20.73
N PHE B 143 -18.87 -5.61 -21.90
CA PHE B 143 -17.56 -5.64 -22.57
C PHE B 143 -16.65 -4.55 -21.95
N ASP B 144 -15.49 -4.34 -22.57
CA ASP B 144 -14.49 -3.39 -22.08
C ASP B 144 -15.07 -1.98 -21.91
N GLY B 145 -14.52 -1.25 -20.95
CA GLY B 145 -14.87 0.14 -20.70
C GLY B 145 -13.76 0.85 -19.98
N SER B 146 -13.86 2.17 -19.91
CA SER B 146 -12.84 3.01 -19.29
C SER B 146 -13.50 4.08 -18.43
N ILE B 147 -12.67 4.76 -17.64
CA ILE B 147 -13.15 5.55 -16.51
C ILE B 147 -13.07 7.05 -16.78
N ILE B 148 -14.20 7.71 -16.54
CA ILE B 148 -14.31 9.16 -16.39
C ILE B 148 -14.18 9.42 -14.90
N LYS B 149 -13.04 9.99 -14.47
CA LYS B 149 -12.76 10.08 -13.03
C LYS B 149 -13.72 11.02 -12.30
N GLU B 150 -14.08 12.14 -12.94
CA GLU B 150 -15.11 13.03 -12.41
C GLU B 150 -16.31 13.05 -13.34
N GLY B 151 -17.21 12.10 -13.12
CA GLY B 151 -18.32 11.86 -14.03
C GLY B 151 -19.65 12.24 -13.42
N ILE B 152 -20.60 11.31 -13.50
CA ILE B 152 -21.98 11.55 -13.07
C ILE B 152 -22.00 11.96 -11.59
N ASP B 153 -22.57 13.12 -11.30
CA ASP B 153 -22.63 13.68 -9.93
C ASP B 153 -21.26 13.77 -9.25
N GLY B 154 -20.20 13.95 -10.04
CA GLY B 154 -18.83 14.00 -9.54
C GLY B 154 -18.17 12.65 -9.25
N TYR B 155 -18.88 11.54 -9.46
CA TYR B 155 -18.37 10.21 -9.11
C TYR B 155 -17.59 9.56 -10.26
N PRO B 156 -16.66 8.67 -9.94
CA PRO B 156 -16.04 7.90 -11.01
C PRO B 156 -17.11 7.15 -11.79
N THR B 157 -16.97 7.21 -13.10
CA THR B 157 -18.00 6.76 -14.04
C THR B 157 -17.34 5.94 -15.13
N ILE B 158 -17.92 4.81 -15.46
CA ILE B 158 -17.41 3.94 -16.51
C ILE B 158 -18.28 4.09 -17.75
N LEU B 159 -17.65 4.27 -18.91
CA LEU B 159 -18.30 4.16 -20.21
C LEU B 159 -17.84 2.81 -20.76
N TYR B 160 -18.78 1.92 -21.02
CA TYR B 160 -18.47 0.54 -21.41
C TYR B 160 -19.33 0.08 -22.58
N THR B 161 -18.87 -0.95 -23.27
CA THR B 161 -19.65 -1.49 -24.37
C THR B 161 -20.68 -2.47 -23.81
N SER B 162 -21.95 -2.07 -23.97
CA SER B 162 -23.09 -2.87 -23.58
C SER B 162 -23.54 -3.64 -24.80
N THR B 163 -23.54 -4.98 -24.70
CA THR B 163 -23.90 -5.82 -25.85
C THR B 163 -25.27 -6.50 -25.68
N SER B 164 -26.00 -6.60 -26.78
CA SER B 164 -27.27 -7.30 -26.82
C SER B 164 -27.19 -8.42 -27.89
N PHE B 165 -28.34 -8.91 -28.32
N PHE B 165 -28.35 -8.94 -28.31
CA PHE B 165 -28.43 -10.06 -29.21
CA PHE B 165 -28.46 -10.10 -29.21
C PHE B 165 -28.00 -9.74 -30.64
C PHE B 165 -28.03 -9.75 -30.63
N GLY B 166 -27.69 -10.79 -31.39
CA GLY B 166 -27.38 -10.68 -32.82
C GLY B 166 -25.97 -11.13 -33.12
N PRO B 167 -25.66 -11.41 -34.40
CA PRO B 167 -24.29 -11.71 -34.79
C PRO B 167 -23.34 -10.59 -34.33
N LEU B 168 -22.24 -10.96 -33.70
CA LEU B 168 -21.28 -10.01 -33.17
C LEU B 168 -19.89 -10.49 -33.55
N GLY B 169 -19.21 -9.74 -34.42
CA GLY B 169 -17.85 -10.07 -34.80
C GLY B 169 -17.44 -9.48 -36.13
N ALA B 170 -16.14 -9.29 -36.29
CA ALA B 170 -15.55 -8.67 -37.47
C ALA B 170 -15.71 -9.51 -38.74
N THR B 171 -15.85 -10.83 -38.59
CA THR B 171 -16.06 -11.72 -39.72
C THR B 171 -17.53 -12.10 -39.94
N LEU B 172 -18.44 -11.52 -39.14
CA LEU B 172 -19.88 -11.80 -39.23
C LEU B 172 -20.60 -10.58 -39.77
N ASN B 173 -21.91 -10.70 -39.94
CA ASN B 173 -22.74 -9.60 -40.40
C ASN B 173 -23.43 -8.90 -39.22
N GLU B 174 -22.66 -8.12 -38.46
CA GLU B 174 -23.19 -7.45 -37.29
C GLU B 174 -24.11 -6.30 -37.70
N ALA B 175 -25.10 -6.03 -36.87
CA ALA B 175 -26.04 -4.94 -37.11
C ALA B 175 -26.00 -3.97 -35.95
N GLU B 176 -26.39 -2.74 -36.25
CA GLU B 176 -26.50 -1.66 -35.30
C GLU B 176 -27.37 -2.08 -34.10
N GLY B 177 -26.95 -1.71 -32.89
CA GLY B 177 -27.66 -2.06 -31.66
C GLY B 177 -27.05 -3.21 -30.88
N THR B 178 -26.42 -4.15 -31.58
CA THR B 178 -25.79 -5.29 -30.93
C THR B 178 -24.67 -4.81 -29.98
N GLU B 179 -23.90 -3.82 -30.40
CA GLU B 179 -22.91 -3.19 -29.54
C GLU B 179 -23.25 -1.72 -29.38
N THR B 180 -23.46 -1.31 -28.15
CA THR B 180 -23.74 0.06 -27.82
C THR B 180 -22.82 0.48 -26.68
N GLN B 181 -22.87 1.72 -26.27
CA GLN B 181 -22.04 2.19 -25.17
C GLN B 181 -22.91 2.80 -24.06
N SER B 182 -22.68 2.38 -22.84
CA SER B 182 -23.46 2.81 -21.71
C SER B 182 -22.63 3.30 -20.53
N LEU B 183 -23.28 4.02 -19.62
CA LEU B 183 -22.65 4.57 -18.43
C LEU B 183 -23.09 3.89 -17.14
N ALA B 184 -22.16 3.79 -16.21
CA ALA B 184 -22.47 3.48 -14.83
C ALA B 184 -21.51 4.25 -13.93
N TYR B 185 -21.90 4.52 -12.70
CA TYR B 185 -21.06 5.28 -11.77
C TYR B 185 -20.99 4.57 -10.42
N THR B 186 -19.95 4.88 -9.66
CA THR B 186 -19.74 4.27 -8.34
C THR B 186 -19.73 5.33 -7.24
N THR B 187 -20.52 5.10 -6.19
CA THR B 187 -20.52 5.96 -5.01
C THR B 187 -19.69 5.36 -3.86
N ASP B 188 -19.07 4.20 -4.10
CA ASP B 188 -18.32 3.50 -3.05
C ASP B 188 -16.97 3.02 -3.57
N ASP B 189 -16.35 3.84 -4.42
CA ASP B 189 -14.98 3.61 -4.88
C ASP B 189 -14.76 2.26 -5.58
N GLY B 190 -15.76 1.81 -6.33
CA GLY B 190 -15.67 0.60 -7.12
C GLY B 190 -16.19 -0.67 -6.48
N ALA B 191 -16.70 -0.60 -5.25
CA ALA B 191 -17.34 -1.79 -4.66
C ALA B 191 -18.61 -2.15 -5.43
N SER B 192 -19.33 -1.15 -5.94
CA SER B 192 -20.50 -1.37 -6.77
C SER B 192 -20.63 -0.26 -7.80
N TRP B 193 -21.40 -0.52 -8.85
CA TRP B 193 -21.70 0.47 -9.89
C TRP B 193 -23.20 0.54 -10.14
N ILE B 194 -23.69 1.76 -10.36
CA ILE B 194 -25.09 2.00 -10.67
C ILE B 194 -25.19 2.43 -12.12
N LYS B 195 -25.92 1.67 -12.92
CA LYS B 195 -26.12 2.00 -14.33
C LYS B 195 -27.16 3.08 -14.44
N LEU B 196 -27.00 3.97 -15.41
CA LEU B 196 -28.12 4.85 -15.77
C LEU B 196 -29.28 4.00 -16.24
N GLY B 197 -30.49 4.54 -16.16
CA GLY B 197 -31.68 3.80 -16.59
C GLY B 197 -31.66 3.51 -18.09
N TYR B 198 -32.41 2.50 -18.51
CA TYR B 198 -32.62 2.26 -19.94
C TYR B 198 -33.61 3.25 -20.51
N GLY B 199 -33.26 3.88 -21.63
CA GLY B 199 -34.25 4.65 -22.38
C GLY B 199 -33.72 5.88 -23.09
N ALA B 200 -34.66 6.66 -23.62
CA ALA B 200 -34.35 7.88 -24.37
C ALA B 200 -33.67 8.87 -23.42
N GLY B 201 -32.52 9.39 -23.84
CA GLY B 201 -31.76 10.33 -23.04
C GLY B 201 -31.00 9.70 -21.88
N GLN B 202 -30.98 8.36 -21.83
CA GLN B 202 -30.27 7.61 -20.79
C GLN B 202 -29.47 6.50 -21.48
N ASN B 203 -29.30 5.33 -20.85
CA ASN B 203 -28.56 4.23 -21.49
C ASN B 203 -29.35 3.54 -22.60
N PRO B 204 -28.66 3.06 -23.64
CA PRO B 204 -27.25 3.35 -23.92
C PRO B 204 -27.08 4.76 -24.47
N VAL B 205 -25.93 5.38 -24.20
CA VAL B 205 -25.70 6.78 -24.57
C VAL B 205 -25.11 6.94 -25.98
N ILE B 206 -24.41 5.92 -26.47
CA ILE B 206 -23.95 5.91 -27.86
C ILE B 206 -24.43 4.61 -28.50
N TYR B 207 -25.25 4.72 -29.53
CA TYR B 207 -25.86 3.57 -30.21
C TYR B 207 -25.85 3.65 -31.73
N GLU B 208 -25.83 4.85 -32.31
CA GLU B 208 -25.80 4.98 -33.76
C GLU B 208 -24.42 4.72 -34.29
N TRP B 209 -24.33 3.86 -35.30
CA TRP B 209 -23.08 3.63 -36.00
C TRP B 209 -22.65 4.89 -36.76
N PRO B 210 -21.40 5.32 -36.61
CA PRO B 210 -20.94 6.52 -37.31
C PRO B 210 -20.72 6.32 -38.82
N GLU B 211 -20.54 5.08 -39.25
CA GLU B 211 -20.44 4.74 -40.67
C GLU B 211 -21.14 3.39 -40.84
N THR B 212 -21.51 3.03 -42.08
CA THR B 212 -22.21 1.76 -42.33
C THR B 212 -21.23 0.59 -42.37
N ASN B 213 -21.77 -0.61 -42.24
CA ASN B 213 -21.02 -1.86 -42.43
C ASN B 213 -19.79 -1.99 -41.54
N LEU B 214 -19.95 -1.67 -40.26
CA LEU B 214 -18.87 -1.81 -39.29
C LEU B 214 -18.54 -3.26 -39.03
N THR B 215 -17.25 -3.52 -38.86
CA THR B 215 -16.76 -4.80 -38.39
C THR B 215 -16.86 -4.89 -36.87
N GLY B 216 -16.94 -3.75 -36.19
CA GLY B 216 -16.98 -3.71 -34.72
C GLY B 216 -17.22 -2.30 -34.24
N PHE B 217 -17.64 -2.18 -32.98
CA PHE B 217 -18.05 -0.89 -32.42
C PHE B 217 -18.01 -0.99 -30.91
N ARG B 218 -16.79 -1.00 -30.35
CA ARG B 218 -16.62 -1.28 -28.93
C ARG B 218 -15.37 -0.69 -28.32
N ASP B 219 -15.29 -0.85 -26.99
CA ASP B 219 -14.11 -0.55 -26.19
C ASP B 219 -13.88 0.96 -26.09
N PRO B 220 -14.87 1.69 -25.57
CA PRO B 220 -14.74 3.14 -25.49
C PRO B 220 -13.61 3.53 -24.54
N TYR B 221 -12.72 4.39 -25.03
CA TYR B 221 -11.59 4.86 -24.27
C TYR B 221 -11.76 6.35 -24.06
N VAL B 222 -12.05 6.73 -22.81
CA VAL B 222 -12.33 8.11 -22.48
C VAL B 222 -11.06 8.75 -21.93
N PHE B 223 -10.75 9.94 -22.41
CA PHE B 223 -9.52 10.62 -22.00
C PHE B 223 -9.66 12.14 -22.15
N GLN B 224 -8.93 12.87 -21.33
CA GLN B 224 -8.81 14.31 -21.46
C GLN B 224 -7.57 14.60 -22.27
N SER B 225 -7.58 15.71 -23.00
CA SER B 225 -6.48 16.03 -23.89
C SER B 225 -6.42 17.53 -24.15
N PRO B 226 -5.63 18.27 -23.36
CA PRO B 226 -5.31 19.67 -23.70
C PRO B 226 -4.81 19.82 -25.15
N ARG B 227 -4.04 18.85 -25.63
CA ARG B 227 -3.58 18.81 -27.02
C ARG B 227 -4.71 18.85 -28.04
N LEU B 228 -5.66 17.91 -27.93
CA LEU B 228 -6.77 17.86 -28.86
C LEU B 228 -7.71 19.06 -28.70
N GLU B 229 -7.89 19.53 -27.47
CA GLU B 229 -8.69 20.74 -27.23
C GLU B 229 -8.10 21.97 -27.96
N ALA B 230 -6.79 22.14 -27.88
CA ALA B 230 -6.10 23.26 -28.55
C ALA B 230 -6.24 23.15 -30.07
N LEU B 231 -6.06 21.94 -30.59
CA LEU B 231 -6.18 21.71 -32.04
C LEU B 231 -7.57 21.95 -32.59
N LEU B 232 -8.60 21.65 -31.78
CA LEU B 232 -9.99 21.78 -32.22
C LEU B 232 -10.64 23.10 -31.85
N ALA B 233 -9.97 23.93 -31.04
CA ALA B 233 -10.57 25.16 -30.49
C ALA B 233 -11.12 26.11 -31.56
N ASN B 234 -10.44 26.22 -32.69
CA ASN B 234 -10.90 27.10 -33.78
C ASN B 234 -12.01 26.50 -34.67
N THR B 235 -12.41 25.25 -34.42
CA THR B 235 -13.47 24.59 -35.20
C THR B 235 -14.73 24.23 -34.38
N THR B 236 -14.78 24.59 -33.11
CA THR B 236 -15.91 24.17 -32.27
C THR B 236 -17.27 24.72 -32.71
N SER B 237 -17.28 25.86 -33.43
CA SER B 237 -18.50 26.36 -34.08
C SER B 237 -19.05 25.44 -35.18
N ILE B 238 -18.21 24.60 -35.81
CA ILE B 238 -18.68 23.64 -36.83
C ILE B 238 -19.48 22.48 -36.20
N THR B 239 -19.00 21.96 -35.07
CA THR B 239 -19.58 20.78 -34.43
C THR B 239 -20.39 21.06 -33.16
N ASN B 240 -20.13 22.21 -32.52
CA ASN B 240 -20.65 22.56 -31.18
C ASN B 240 -20.19 21.66 -30.03
N ALA B 241 -19.20 20.79 -30.26
CA ALA B 241 -18.70 19.90 -29.22
C ALA B 241 -17.55 20.61 -28.51
N THR B 242 -17.77 20.95 -27.24
CA THR B 242 -16.83 21.75 -26.45
C THR B 242 -16.43 21.11 -25.12
N GLY B 243 -16.78 19.84 -24.90
CA GLY B 243 -16.46 19.17 -23.64
C GLY B 243 -14.99 18.91 -23.47
N ASP B 244 -14.61 18.64 -22.23
CA ASP B 244 -13.21 18.35 -21.89
C ASP B 244 -12.84 16.86 -21.89
N HIS B 245 -13.76 15.98 -22.31
CA HIS B 245 -13.46 14.57 -22.49
C HIS B 245 -13.64 14.17 -23.94
N PHE B 246 -12.71 13.34 -24.41
CA PHE B 246 -12.82 12.68 -25.70
C PHE B 246 -13.04 11.20 -25.45
N ALA B 247 -13.57 10.51 -26.46
CA ALA B 247 -13.70 9.05 -26.39
C ALA B 247 -13.44 8.45 -27.76
N THR B 248 -12.58 7.43 -27.81
CA THR B 248 -12.46 6.65 -29.03
C THR B 248 -13.29 5.37 -28.93
N ILE B 249 -13.80 4.91 -30.06
CA ILE B 249 -14.45 3.61 -30.16
C ILE B 249 -13.75 2.81 -31.26
N SER B 250 -13.43 1.55 -30.93
CA SER B 250 -12.63 0.70 -31.81
C SER B 250 -13.51 -0.12 -32.74
N GLY B 251 -13.10 -0.18 -34.02
CA GLY B 251 -13.83 -0.93 -34.99
C GLY B 251 -13.13 -1.04 -36.33
N GLY B 252 -13.91 -0.91 -37.38
CA GLY B 252 -13.43 -1.02 -38.75
C GLY B 252 -14.62 -1.06 -39.69
N VAL B 253 -14.34 -1.22 -40.97
CA VAL B 253 -15.37 -1.25 -42.01
C VAL B 253 -15.14 -2.48 -42.88
N HIS B 254 -16.21 -3.22 -43.14
CA HIS B 254 -16.09 -4.50 -43.86
C HIS B 254 -15.37 -4.31 -45.19
N GLY B 255 -14.35 -5.13 -45.40
CA GLY B 255 -13.56 -5.09 -46.62
C GLY B 255 -12.56 -3.96 -46.74
N ASP B 256 -12.55 -3.02 -45.80
CA ASP B 256 -11.80 -1.77 -45.97
C ASP B 256 -10.92 -1.38 -44.77
N GLY B 257 -10.62 -2.33 -43.89
CA GLY B 257 -9.69 -2.11 -42.79
C GLY B 257 -10.27 -1.54 -41.52
N ALA B 258 -9.39 -1.43 -40.52
CA ALA B 258 -9.76 -0.99 -39.18
C ALA B 258 -9.96 0.53 -39.09
N ARG B 259 -10.68 0.93 -38.05
CA ARG B 259 -10.98 2.34 -37.77
C ARG B 259 -10.98 2.56 -36.28
N LEU B 260 -10.44 3.69 -35.87
CA LEU B 260 -10.63 4.20 -34.53
C LEU B 260 -11.44 5.48 -34.66
N PHE B 261 -12.67 5.47 -34.13
CA PHE B 261 -13.59 6.59 -34.25
C PHE B 261 -13.45 7.54 -33.07
N LEU B 262 -13.35 8.84 -33.33
CA LEU B 262 -13.22 9.85 -32.28
C LEU B 262 -14.52 10.57 -32.01
N TYR B 263 -14.88 10.61 -30.72
CA TYR B 263 -16.03 11.34 -30.22
C TYR B 263 -15.52 12.40 -29.26
N ARG B 264 -16.29 13.47 -29.13
CA ARG B 264 -16.04 14.47 -28.11
C ARG B 264 -17.30 14.70 -27.32
N GLN B 265 -17.13 14.72 -26.00
CA GLN B 265 -18.19 15.09 -25.08
C GLN B 265 -18.75 16.43 -25.56
N HIS B 266 -20.06 16.51 -25.73
CA HIS B 266 -20.64 17.70 -26.33
C HIS B 266 -20.51 18.93 -25.42
N THR B 267 -20.79 18.75 -24.13
CA THR B 267 -20.78 19.85 -23.16
C THR B 267 -20.11 19.40 -21.88
N THR B 268 -19.18 20.23 -21.39
CA THR B 268 -18.48 19.98 -20.13
C THR B 268 -19.47 19.75 -19.00
N GLY B 269 -19.17 18.77 -18.15
CA GLY B 269 -20.04 18.44 -17.01
C GLY B 269 -21.31 17.66 -17.34
N GLU B 270 -21.49 17.27 -18.61
CA GLU B 270 -22.68 16.52 -19.04
C GLU B 270 -22.21 15.30 -19.82
N PHE B 271 -22.75 14.13 -19.49
CA PHE B 271 -22.16 12.85 -19.93
C PHE B 271 -23.03 11.99 -20.84
N ILE B 272 -24.22 12.48 -21.18
CA ILE B 272 -25.14 11.76 -22.03
C ILE B 272 -24.78 11.95 -23.51
N LYS B 273 -24.51 13.19 -23.91
CA LYS B 273 -24.31 13.51 -25.32
C LYS B 273 -22.83 13.51 -25.74
N TRP B 274 -22.50 12.63 -26.67
CA TRP B 274 -21.16 12.51 -27.25
C TRP B 274 -21.30 12.73 -28.74
N THR B 275 -20.46 13.59 -29.30
CA THR B 275 -20.56 13.98 -30.70
C THR B 275 -19.46 13.31 -31.50
N TYR B 276 -19.85 12.56 -32.52
CA TYR B 276 -18.88 11.91 -33.42
C TYR B 276 -18.19 12.99 -34.27
N LEU B 277 -16.87 13.03 -34.21
CA LEU B 277 -16.10 13.99 -35.00
C LEU B 277 -15.68 13.37 -36.32
N GLY B 278 -15.04 12.21 -36.25
CA GLY B 278 -14.57 11.52 -37.44
C GLY B 278 -13.61 10.41 -37.08
N PRO B 279 -13.12 9.66 -38.08
CA PRO B 279 -12.13 8.62 -37.83
C PRO B 279 -10.78 9.22 -37.48
N LEU B 280 -10.23 8.77 -36.36
CA LEU B 280 -8.94 9.23 -35.87
C LEU B 280 -7.84 8.44 -36.57
N VAL B 281 -7.97 7.12 -36.59
CA VAL B 281 -7.01 6.24 -37.25
C VAL B 281 -7.73 5.42 -38.28
N THR B 282 -7.17 5.38 -39.49
CA THR B 282 -7.70 4.61 -40.60
C THR B 282 -6.54 3.81 -41.17
N THR B 283 -6.68 2.50 -41.18
CA THR B 283 -5.68 1.62 -41.78
C THR B 283 -6.35 0.72 -42.79
N GLY B 284 -5.53 0.10 -43.64
CA GLY B 284 -6.02 -0.71 -44.75
C GLY B 284 -6.28 -2.15 -44.36
N TYR B 285 -7.09 -2.82 -45.17
CA TYR B 285 -7.41 -4.24 -44.99
C TYR B 285 -6.16 -5.11 -44.99
N LYS B 286 -5.83 -5.66 -43.82
CA LYS B 286 -4.60 -6.43 -43.60
C LYS B 286 -3.31 -5.72 -44.04
N GLU B 287 -3.29 -4.39 -43.97
CA GLU B 287 -2.11 -3.58 -44.23
C GLU B 287 -1.06 -3.86 -43.14
N SER B 288 0.21 -3.95 -43.55
CA SER B 288 1.32 -4.03 -42.62
C SER B 288 2.28 -2.88 -42.87
N TYR B 289 2.71 -2.23 -41.80
CA TYR B 289 3.75 -1.22 -41.87
C TYR B 289 5.12 -1.86 -42.05
N GLY B 290 5.25 -3.15 -41.77
CA GLY B 290 6.49 -3.89 -42.00
C GLY B 290 6.83 -4.86 -40.88
N GLU B 291 8.02 -5.42 -40.99
CA GLU B 291 8.52 -6.50 -40.10
C GLU B 291 8.57 -6.12 -38.61
N TRP B 292 8.69 -4.83 -38.32
CA TRP B 292 8.78 -4.32 -36.94
C TRP B 292 7.43 -3.90 -36.36
N SER B 293 6.35 -4.09 -37.12
CA SER B 293 5.09 -3.40 -36.86
C SER B 293 3.85 -4.29 -36.88
N GLY B 294 4.02 -5.61 -36.93
CA GLY B 294 2.90 -6.54 -37.01
C GLY B 294 2.04 -6.29 -38.24
N ASN B 295 0.72 -6.36 -38.06
CA ASN B 295 -0.24 -6.22 -39.13
C ASN B 295 -1.51 -5.57 -38.60
N TYR B 296 -2.06 -4.63 -39.37
CA TYR B 296 -3.21 -3.87 -38.92
C TYR B 296 -4.56 -4.63 -39.01
N GLY B 297 -4.56 -5.83 -39.57
CA GLY B 297 -5.74 -6.69 -39.59
C GLY B 297 -6.95 -6.05 -40.25
N ILE B 298 -8.14 -6.38 -39.73
CA ILE B 298 -9.41 -5.92 -40.31
C ILE B 298 -10.28 -5.10 -39.35
N ASN B 299 -9.89 -5.06 -38.07
CA ASN B 299 -10.72 -4.48 -37.02
C ASN B 299 -9.82 -4.20 -35.82
N PHE B 300 -10.03 -3.05 -35.18
CA PHE B 300 -9.33 -2.72 -33.94
C PHE B 300 -10.14 -3.13 -32.72
N GLU B 301 -9.43 -3.46 -31.65
CA GLU B 301 -10.01 -3.69 -30.34
C GLU B 301 -9.14 -2.99 -29.29
N THR B 302 -9.79 -2.61 -28.19
CA THR B 302 -9.18 -2.02 -26.99
C THR B 302 -8.19 -0.88 -27.27
N ALA B 303 -8.52 -0.01 -28.22
CA ALA B 303 -7.61 1.08 -28.58
C ALA B 303 -7.65 2.19 -27.56
N GLY B 304 -6.49 2.81 -27.33
CA GLY B 304 -6.37 3.97 -26.46
C GLY B 304 -5.48 5.05 -27.07
N VAL B 305 -5.56 6.25 -26.50
CA VAL B 305 -4.84 7.42 -26.94
C VAL B 305 -4.11 8.02 -25.74
N THR B 306 -2.84 8.33 -25.92
CA THR B 306 -2.05 8.96 -24.87
C THR B 306 -1.04 9.94 -25.48
N ARG B 307 -0.37 10.66 -24.60
CA ARG B 307 0.65 11.62 -25.00
C ARG B 307 1.75 11.49 -23.97
N LEU B 308 2.98 11.30 -24.43
CA LEU B 308 4.09 10.98 -23.56
C LEU B 308 5.27 11.90 -23.85
N ASN B 309 6.17 12.02 -22.88
CA ASN B 309 7.46 12.65 -23.06
C ASN B 309 8.50 11.76 -22.38
N PRO B 310 9.80 12.14 -22.40
CA PRO B 310 10.79 11.23 -21.84
C PRO B 310 10.55 10.79 -20.38
N ALA B 311 9.90 11.62 -19.57
CA ALA B 311 9.65 11.32 -18.16
C ALA B 311 8.40 10.46 -17.91
N GLY B 312 7.44 10.44 -18.84
CA GLY B 312 6.20 9.69 -18.65
C GLY B 312 5.06 10.31 -19.42
N ALA B 313 3.95 10.59 -18.74
CA ALA B 313 2.78 11.21 -19.36
C ALA B 313 2.99 12.71 -19.53
N ALA B 314 2.53 13.24 -20.66
CA ALA B 314 2.61 14.65 -20.97
C ALA B 314 1.20 15.19 -21.11
N TRP B 315 0.91 16.28 -20.40
CA TRP B 315 -0.41 16.90 -20.42
C TRP B 315 -0.40 18.32 -21.00
N ASP B 316 0.62 18.64 -21.79
CA ASP B 316 0.72 19.94 -22.45
C ASP B 316 -0.21 20.03 -23.66
N ASN B 317 -0.40 21.24 -24.16
CA ASN B 317 -1.24 21.49 -25.34
C ASN B 317 -0.56 21.35 -26.71
N GLY B 318 0.67 20.86 -26.75
CA GLY B 318 1.49 20.90 -27.96
C GLY B 318 2.78 21.67 -27.75
N SER B 319 2.82 22.52 -26.72
CA SER B 319 3.99 23.36 -26.44
C SER B 319 5.25 22.60 -26.01
N ASP B 320 5.10 21.39 -25.46
CA ASP B 320 6.25 20.56 -25.12
C ASP B 320 6.74 19.87 -26.40
N THR B 321 7.88 20.34 -26.92
CA THR B 321 8.48 19.79 -28.13
C THR B 321 9.08 18.39 -27.93
N THR B 322 9.26 17.95 -26.68
CA THR B 322 9.73 16.58 -26.41
C THR B 322 8.58 15.55 -26.34
N ALA B 323 7.33 16.01 -26.39
CA ALA B 323 6.17 15.13 -26.23
C ALA B 323 5.75 14.53 -27.57
N VAL B 324 5.22 13.30 -27.51
CA VAL B 324 4.79 12.56 -28.70
C VAL B 324 3.40 12.00 -28.42
N ASP B 325 2.52 12.07 -29.42
CA ASP B 325 1.19 11.49 -29.34
C ASP B 325 1.24 10.03 -29.78
N PHE B 326 0.58 9.16 -29.02
CA PHE B 326 0.57 7.72 -29.31
C PHE B 326 -0.84 7.17 -29.27
N VAL B 327 -1.08 6.16 -30.09
CA VAL B 327 -2.28 5.32 -30.02
C VAL B 327 -1.81 3.90 -29.77
N THR B 328 -2.47 3.18 -28.87
CA THR B 328 -2.23 1.76 -28.67
C THR B 328 -3.50 1.06 -29.11
N PHE B 329 -3.39 -0.11 -29.70
CA PHE B 329 -4.56 -0.80 -30.26
C PHE B 329 -4.26 -2.25 -30.57
N GLY B 330 -5.26 -3.10 -30.36
CA GLY B 330 -5.21 -4.49 -30.80
C GLY B 330 -5.79 -4.58 -32.20
N THR B 331 -5.29 -5.51 -33.00
CA THR B 331 -5.87 -5.79 -34.32
C THR B 331 -6.19 -7.26 -34.41
N GLU B 332 -7.22 -7.57 -35.17
CA GLU B 332 -7.58 -8.97 -35.41
C GLU B 332 -7.60 -9.35 -36.90
N GLN B 333 -7.37 -10.65 -37.11
CA GLN B 333 -7.35 -11.29 -38.43
C GLN B 333 -6.19 -10.86 -39.35
N GLY B 334 -5.11 -10.32 -38.78
CA GLY B 334 -3.89 -10.01 -39.53
C GLY B 334 -2.70 -10.86 -39.10
N ARG B 335 -2.97 -12.00 -38.46
CA ARG B 335 -1.92 -12.83 -37.92
C ARG B 335 -2.31 -14.29 -38.04
N ALA B 336 -1.36 -15.13 -38.43
CA ALA B 336 -1.61 -16.55 -38.67
C ALA B 336 -1.70 -17.39 -37.41
N ASP B 337 -1.25 -16.84 -36.29
CA ASP B 337 -1.23 -17.56 -35.00
C ASP B 337 -1.48 -16.51 -33.90
N HIS B 338 -1.22 -16.73 -32.74
CA HIS B 338 -1.53 -15.90 -31.57
C HIS B 338 -2.98 -15.41 -31.62
N GLN B 339 -3.83 -16.40 -31.76
CA GLN B 339 -5.29 -16.16 -31.79
C GLN B 339 -5.66 -15.03 -32.75
N ASN B 340 -4.90 -14.92 -33.83
CA ASN B 340 -5.06 -13.90 -34.86
C ASN B 340 -4.96 -12.44 -34.37
N HIS B 341 -4.31 -11.93 -33.40
CA HIS B 341 -4.14 -10.76 -32.54
C HIS B 341 -2.68 -10.35 -32.35
N TRP B 342 -2.76 -9.04 -32.79
CA TRP B 342 -1.55 -8.21 -32.58
C TRP B 342 -1.87 -7.07 -31.60
N PRO B 343 -1.11 -6.95 -30.50
CA PRO B 343 -1.18 -5.74 -29.70
C PRO B 343 -0.13 -4.73 -30.16
N LEU B 344 -0.59 -3.64 -30.78
CA LEU B 344 0.27 -2.68 -31.46
C LEU B 344 0.23 -1.32 -30.82
N TRP B 345 1.12 -0.45 -31.29
CA TRP B 345 1.10 0.97 -30.96
C TRP B 345 1.63 1.76 -32.14
N ALA B 346 1.27 3.04 -32.22
CA ALA B 346 1.78 3.95 -33.23
C ALA B 346 1.99 5.33 -32.68
N ALA B 347 3.09 5.97 -33.07
CA ALA B 347 3.28 7.40 -32.85
C ALA B 347 2.52 8.09 -33.98
N VAL B 348 1.80 9.15 -33.67
CA VAL B 348 0.95 9.82 -34.65
C VAL B 348 1.16 11.31 -34.65
N ASP B 349 0.94 11.94 -35.80
CA ASP B 349 0.91 13.38 -35.93
C ASP B 349 -0.50 13.82 -36.27
N TYR B 350 -1.11 14.63 -35.41
CA TYR B 350 -2.50 15.03 -35.58
C TYR B 350 -2.63 16.15 -36.62
N GLU B 351 -3.58 16.01 -37.54
CA GLU B 351 -3.99 17.07 -38.48
C GLU B 351 -5.46 17.37 -38.24
N VAL B 352 -5.83 18.64 -38.31
CA VAL B 352 -7.22 19.07 -38.14
C VAL B 352 -7.90 19.07 -39.52
N ARG B 353 -9.03 18.37 -39.63
CA ARG B 353 -9.83 18.37 -40.84
C ARG B 353 -10.76 19.57 -40.87
N ASP B 354 -11.22 19.92 -42.08
CA ASP B 354 -12.12 21.07 -42.26
C ASP B 354 -13.46 20.92 -41.53
N ASN B 355 -13.95 19.69 -41.39
CA ASN B 355 -15.18 19.45 -40.64
C ASN B 355 -15.04 19.42 -39.11
N GLY B 356 -13.88 19.82 -38.59
CA GLY B 356 -13.67 19.93 -37.15
C GLY B 356 -13.41 18.58 -36.49
N SER B 357 -12.66 17.72 -37.19
CA SER B 357 -12.25 16.41 -36.68
C SER B 357 -10.72 16.30 -36.80
N ILE B 358 -10.18 15.17 -36.34
CA ILE B 358 -8.73 14.97 -36.28
C ILE B 358 -8.33 13.71 -37.03
N GLU B 359 -7.36 13.84 -37.93
CA GLU B 359 -6.70 12.68 -38.52
C GLU B 359 -5.38 12.45 -37.80
N ALA B 360 -5.22 11.26 -37.23
CA ALA B 360 -3.96 10.86 -36.62
C ALA B 360 -3.16 10.15 -37.68
N VAL B 361 -2.13 10.81 -38.19
CA VAL B 361 -1.31 10.25 -39.26
C VAL B 361 -0.17 9.47 -38.62
N ILE B 362 -0.06 8.18 -38.94
CA ILE B 362 0.94 7.32 -38.32
C ILE B 362 2.36 7.74 -38.78
N ALA B 363 3.22 8.06 -37.81
CA ALA B 363 4.61 8.49 -38.06
C ALA B 363 5.57 7.31 -37.98
N TYR B 364 5.36 6.45 -37.00
CA TYR B 364 6.00 5.13 -36.92
C TYR B 364 5.15 4.21 -36.07
N SER B 365 5.39 2.91 -36.18
CA SER B 365 4.43 1.92 -35.71
C SER B 365 5.15 0.69 -35.19
N GLY B 366 4.80 0.28 -33.97
CA GLY B 366 5.44 -0.86 -33.33
C GLY B 366 4.47 -1.83 -32.67
N VAL B 367 5.07 -2.69 -31.85
CA VAL B 367 4.39 -3.81 -31.22
C VAL B 367 4.56 -3.62 -29.73
N GLN B 368 3.45 -3.72 -28.98
CA GLN B 368 3.50 -3.53 -27.55
C GLN B 368 4.01 -4.78 -26.82
N ASP B 369 3.69 -5.96 -27.34
CA ASP B 369 4.20 -7.22 -26.83
C ASP B 369 4.13 -8.24 -27.97
N TRP B 370 5.19 -9.02 -28.12
CA TRP B 370 5.33 -9.92 -29.27
C TRP B 370 4.81 -11.34 -29.03
N GLY B 371 4.35 -11.64 -27.82
CA GLY B 371 3.94 -12.99 -27.47
C GLY B 371 2.44 -13.17 -27.27
N ARG B 372 2.09 -14.06 -26.34
CA ARG B 372 0.70 -14.44 -26.10
C ARG B 372 -0.01 -13.46 -25.17
N SER B 373 -0.06 -12.21 -25.59
CA SER B 373 -0.79 -11.17 -24.86
C SER B 373 -1.52 -10.25 -25.81
N TYR B 374 -2.51 -9.55 -25.27
CA TYR B 374 -3.46 -8.76 -26.05
C TYR B 374 -4.27 -7.89 -25.10
N ALA B 375 -5.05 -6.98 -25.67
CA ALA B 375 -6.01 -6.18 -24.92
C ALA B 375 -5.34 -5.27 -23.92
N TYR B 376 -4.30 -4.56 -24.35
CA TYR B 376 -3.60 -3.63 -23.48
C TYR B 376 -4.48 -2.41 -23.22
N ALA B 377 -4.54 -2.01 -21.96
CA ALA B 377 -5.19 -0.78 -21.55
C ALA B 377 -4.14 0.11 -20.88
N SER B 378 -4.26 1.42 -21.03
CA SER B 378 -3.41 2.35 -20.29
C SER B 378 -4.25 3.38 -19.56
N PHE B 379 -3.71 3.88 -18.47
CA PHE B 379 -4.41 4.85 -17.62
C PHE B 379 -3.44 5.79 -16.92
N PRO B 380 -3.91 7.01 -16.61
CA PRO B 380 -3.04 7.99 -15.96
C PRO B 380 -2.82 7.72 -14.48
N VAL B 381 -1.60 7.95 -14.01
CA VAL B 381 -1.24 7.76 -12.60
C VAL B 381 -0.48 9.00 -12.13
N GLU B 382 -0.71 9.39 -10.88
CA GLU B 382 -0.05 10.55 -10.25
C GLU B 382 1.43 10.59 -10.51
N GLY B 383 1.96 11.80 -10.63
CA GLY B 383 3.39 11.99 -10.89
C GLY B 383 3.72 11.91 -12.37
N TYR B 384 2.74 12.29 -13.21
CA TYR B 384 2.94 12.35 -14.66
C TYR B 384 3.33 11.00 -15.25
N ARG B 385 2.53 9.98 -14.93
CA ARG B 385 2.74 8.62 -15.44
C ARG B 385 1.54 8.15 -16.25
N GLN B 386 1.80 7.23 -17.16
CA GLN B 386 0.80 6.53 -17.95
C GLN B 386 1.22 5.07 -17.81
N VAL B 387 0.33 4.26 -17.28
CA VAL B 387 0.64 2.89 -16.95
C VAL B 387 -0.21 1.98 -17.82
N SER B 388 0.41 0.94 -18.37
CA SER B 388 -0.21 0.03 -19.31
C SER B 388 -0.16 -1.38 -18.75
N VAL B 389 -1.23 -2.14 -18.99
CA VAL B 389 -1.28 -3.55 -18.59
C VAL B 389 -2.14 -4.31 -19.60
N GLY B 390 -1.78 -5.56 -19.84
CA GLY B 390 -2.48 -6.40 -20.81
C GLY B 390 -2.89 -7.73 -20.23
N TRP B 391 -3.43 -8.57 -21.11
CA TRP B 391 -3.91 -9.92 -20.76
C TRP B 391 -3.01 -10.94 -21.42
N ILE B 392 -2.50 -11.87 -20.62
CA ILE B 392 -1.75 -13.03 -21.13
C ILE B 392 -2.67 -14.24 -21.13
N TYR B 393 -2.96 -14.76 -22.33
CA TYR B 393 -3.79 -15.95 -22.47
C TYR B 393 -2.94 -17.19 -22.25
N GLU B 394 -3.61 -18.34 -22.05
CA GLU B 394 -2.91 -19.61 -21.88
C GLU B 394 -2.42 -20.08 -23.25
N ASP B 395 -1.66 -21.18 -23.28
CA ASP B 395 -1.28 -21.82 -24.55
C ASP B 395 -1.87 -23.23 -24.60
N ASP B 396 -3.20 -23.27 -24.57
CA ASP B 396 -3.98 -24.50 -24.62
C ASP B 396 -5.19 -24.20 -25.50
N ASP B 397 -4.93 -23.81 -26.74
CA ASP B 397 -6.00 -23.33 -27.64
C ASP B 397 -7.06 -24.37 -28.01
N ASN B 398 -6.73 -25.66 -27.89
CA ASN B 398 -7.73 -26.73 -28.06
C ASN B 398 -8.51 -27.08 -26.79
N VAL B 399 -8.25 -26.37 -25.69
CA VAL B 399 -9.03 -26.47 -24.45
C VAL B 399 -8.94 -27.90 -23.87
N ILE B 400 -7.73 -28.46 -23.89
CA ILE B 400 -7.51 -29.85 -23.49
C ILE B 400 -7.42 -30.00 -21.98
N LEU B 401 -6.75 -29.06 -21.31
CA LEU B 401 -6.58 -29.13 -19.85
C LEU B 401 -7.19 -27.93 -19.08
N ALA B 402 -8.01 -27.12 -19.75
CA ALA B 402 -8.60 -25.93 -19.14
C ALA B 402 -9.46 -26.27 -17.92
N LYS B 403 -10.31 -27.30 -18.04
CA LYS B 403 -11.15 -27.72 -16.91
C LYS B 403 -10.31 -28.21 -15.72
N GLN B 404 -9.25 -28.93 -16.04
CA GLN B 404 -8.31 -29.41 -15.02
C GLN B 404 -7.60 -28.23 -14.32
N PHE B 405 -7.25 -27.19 -15.06
CA PHE B 405 -6.73 -25.94 -14.43
C PHE B 405 -7.78 -25.35 -13.49
N GLY B 406 -9.01 -25.22 -13.97
CA GLY B 406 -10.07 -24.51 -13.26
C GLY B 406 -9.99 -22.98 -13.38
N TYR B 407 -9.17 -22.51 -14.31
CA TYR B 407 -9.02 -21.09 -14.60
C TYR B 407 -8.33 -20.94 -15.96
N GLN B 408 -8.47 -19.74 -16.54
CA GLN B 408 -7.73 -19.34 -17.74
C GLN B 408 -7.37 -17.86 -17.64
N GLY B 409 -6.10 -17.55 -17.88
CA GLY B 409 -5.66 -16.18 -18.11
C GLY B 409 -5.01 -15.50 -16.90
N ALA B 410 -4.20 -14.50 -17.20
CA ALA B 410 -3.62 -13.60 -16.19
C ALA B 410 -3.36 -12.25 -16.84
N PHE B 411 -2.99 -11.26 -16.03
CA PHE B 411 -2.47 -10.01 -16.56
C PHE B 411 -0.97 -10.14 -16.84
N THR B 412 -0.47 -9.21 -17.65
CA THR B 412 0.94 -8.89 -17.70
C THR B 412 1.31 -8.16 -16.42
N LEU B 413 2.57 -7.79 -16.28
CA LEU B 413 2.95 -6.80 -15.27
C LEU B 413 2.47 -5.42 -15.73
N PHE B 414 2.40 -4.50 -14.78
CA PHE B 414 2.04 -3.13 -15.07
C PHE B 414 3.29 -2.39 -15.53
N ARG B 415 3.14 -1.59 -16.58
CA ARG B 415 4.28 -1.00 -17.27
C ARG B 415 4.13 0.51 -17.36
N ASP B 416 5.16 1.24 -16.95
CA ASP B 416 5.21 2.68 -17.21
C ASP B 416 5.54 2.89 -18.69
N LEU B 417 4.74 3.72 -19.35
CA LEU B 417 5.03 4.19 -20.70
C LEU B 417 5.74 5.53 -20.63
N PHE B 418 6.64 5.75 -21.59
CA PHE B 418 7.41 6.99 -21.70
C PHE B 418 8.03 7.04 -23.10
N VAL B 419 8.56 8.19 -23.49
CA VAL B 419 9.27 8.30 -24.76
C VAL B 419 10.70 7.89 -24.52
N LYS B 420 11.12 6.79 -25.10
CA LYS B 420 12.51 6.35 -25.00
C LYS B 420 13.33 7.16 -26.02
N VAL B 421 14.36 7.87 -25.52
CA VAL B 421 15.27 8.65 -26.37
C VAL B 421 16.67 8.07 -26.24
N VAL B 422 17.29 7.73 -27.38
CA VAL B 422 18.67 7.24 -27.39
C VAL B 422 19.51 8.27 -28.15
N GLU B 423 20.47 8.88 -27.46
CA GLU B 423 21.33 9.91 -28.06
C GLU B 423 22.61 9.29 -28.59
N ASN B 424 23.24 10.03 -29.50
CA ASN B 424 24.55 9.65 -30.05
C ASN B 424 24.57 8.28 -30.69
N VAL B 425 23.52 7.97 -31.44
CA VAL B 425 23.42 6.70 -32.15
C VAL B 425 24.27 6.76 -33.43
N SER B 426 25.01 5.70 -33.69
CA SER B 426 25.85 5.59 -34.89
C SER B 426 24.99 5.41 -36.15
N PRO B 427 25.24 6.23 -37.19
CA PRO B 427 24.56 6.05 -38.48
C PRO B 427 24.80 4.72 -39.18
N SER B 428 25.82 3.97 -38.78
CA SER B 428 26.05 2.65 -39.34
C SER B 428 25.32 1.53 -38.61
N THR B 429 24.48 1.86 -37.61
CA THR B 429 23.58 0.87 -37.02
C THR B 429 22.79 0.24 -38.17
N PRO B 430 22.88 -1.09 -38.36
CA PRO B 430 22.16 -1.71 -39.47
C PRO B 430 20.65 -1.43 -39.44
N GLY B 431 20.10 -1.10 -40.61
CA GLY B 431 18.66 -0.90 -40.77
C GLY B 431 18.05 0.30 -40.06
N LEU B 432 18.89 1.24 -39.62
CA LEU B 432 18.42 2.34 -38.76
C LEU B 432 17.37 3.24 -39.44
N PHE B 433 17.49 3.38 -40.75
CA PHE B 433 16.64 4.30 -41.52
C PHE B 433 15.47 3.62 -42.25
N GLU B 434 15.27 2.33 -41.97
CA GLU B 434 14.07 1.62 -42.40
C GLU B 434 12.75 2.07 -41.75
N GLN B 435 11.66 1.72 -42.43
CA GLN B 435 10.32 2.03 -41.95
C GLN B 435 10.00 1.03 -40.87
N ALA B 436 10.07 1.45 -39.62
CA ALA B 436 9.80 0.57 -38.53
C ALA B 436 9.18 1.33 -37.37
N SER B 437 9.71 1.15 -36.16
CA SER B 437 9.03 1.52 -34.93
C SER B 437 9.79 2.56 -34.12
N TRP B 438 10.49 3.46 -34.80
CA TRP B 438 11.23 4.55 -34.16
C TRP B 438 11.37 5.69 -35.17
N SER B 439 11.72 6.89 -34.68
CA SER B 439 12.08 8.01 -35.55
C SER B 439 13.56 8.33 -35.31
N THR B 440 14.17 8.90 -36.33
CA THR B 440 15.57 9.31 -36.30
C THR B 440 15.64 10.79 -36.61
N LYS B 441 16.48 11.51 -35.88
CA LYS B 441 16.80 12.89 -36.19
C LYS B 441 18.33 12.98 -36.31
N ASN B 442 18.81 13.29 -37.52
CA ASN B 442 20.25 13.44 -37.75
C ASN B 442 20.78 14.69 -37.05
N SER B 443 21.99 14.59 -36.53
CA SER B 443 22.73 15.77 -36.08
C SER B 443 23.03 16.66 -37.29
N THR B 444 23.31 17.93 -37.02
CA THR B 444 23.68 18.89 -38.06
C THR B 444 24.83 18.38 -38.94
N ASP B 445 25.87 17.82 -38.31
CA ASP B 445 27.04 17.31 -39.05
C ASP B 445 26.85 15.92 -39.68
N GLY B 446 25.73 15.25 -39.39
CA GLY B 446 25.40 13.96 -39.99
C GLY B 446 26.16 12.77 -39.42
N MET B 447 26.93 12.97 -38.35
CA MET B 447 27.77 11.91 -37.77
C MET B 447 27.08 11.16 -36.62
N SER B 448 25.94 11.68 -36.13
CA SER B 448 25.16 10.97 -35.12
C SER B 448 23.66 11.18 -35.32
N VAL B 449 22.89 10.34 -34.65
CA VAL B 449 21.44 10.32 -34.75
C VAL B 449 20.83 10.25 -33.36
N THR B 450 19.72 10.96 -33.15
CA THR B 450 18.89 10.79 -31.96
C THR B 450 17.72 9.88 -32.36
N VAL B 451 17.56 8.77 -31.64
CA VAL B 451 16.48 7.81 -31.87
C VAL B 451 15.37 8.05 -30.83
N THR B 452 14.13 8.08 -31.30
CA THR B 452 12.97 8.20 -30.43
C THR B 452 12.02 7.02 -30.68
N THR B 453 11.52 6.41 -29.61
CA THR B 453 10.53 5.34 -29.71
C THR B 453 9.69 5.24 -28.43
N LEU B 454 8.76 4.30 -28.40
CA LEU B 454 7.96 4.06 -27.21
C LEU B 454 8.80 3.26 -26.22
N GLY B 455 8.92 3.77 -25.01
CA GLY B 455 9.55 3.03 -23.93
C GLY B 455 8.50 2.32 -23.07
N GLN B 456 8.84 1.14 -22.58
CA GLN B 456 8.03 0.40 -21.61
C GLN B 456 8.94 -0.19 -20.57
N ARG B 457 8.61 0.02 -19.30
CA ARG B 457 9.35 -0.63 -18.21
C ARG B 457 8.39 -1.02 -17.11
N VAL B 458 8.73 -2.08 -16.39
CA VAL B 458 7.89 -2.55 -15.29
C VAL B 458 7.86 -1.44 -14.24
N VAL B 459 6.69 -1.16 -13.72
CA VAL B 459 6.54 -0.10 -12.72
C VAL B 459 7.51 -0.35 -11.55
N PRO B 460 8.17 0.72 -11.06
CA PRO B 460 9.21 0.54 -10.03
C PRO B 460 8.71 -0.03 -8.71
N GLU B 461 7.44 0.19 -8.40
CA GLU B 461 6.84 -0.39 -7.20
C GLU B 461 6.93 -1.91 -7.21
N THR B 462 6.70 -2.51 -8.38
CA THR B 462 6.74 -3.96 -8.53
C THR B 462 8.17 -4.48 -8.45
N LEU B 463 9.09 -3.83 -9.14
CA LEU B 463 10.51 -4.23 -9.09
C LEU B 463 11.05 -4.15 -7.66
N ALA B 464 10.72 -3.08 -6.93
CA ALA B 464 11.16 -2.91 -5.54
C ALA B 464 10.56 -3.97 -4.61
N ALA B 465 9.27 -4.23 -4.76
CA ALA B 465 8.61 -5.24 -3.93
C ALA B 465 9.14 -6.66 -4.25
N TYR B 466 9.28 -6.96 -5.53
CA TYR B 466 9.85 -8.25 -5.95
C TYR B 466 11.23 -8.49 -5.35
N LYS B 467 12.12 -7.52 -5.56
CA LYS B 467 13.50 -7.63 -5.08
C LYS B 467 13.54 -7.77 -3.57
N GLY B 468 12.81 -6.91 -2.85
CA GLY B 468 12.85 -6.91 -1.39
C GLY B 468 12.27 -8.14 -0.70
N ASN B 469 11.33 -8.81 -1.37
CA ASN B 469 10.74 -10.05 -0.86
C ASN B 469 11.46 -11.31 -1.33
N SER B 470 12.35 -11.19 -2.32
CA SER B 470 13.08 -12.33 -2.87
C SER B 470 14.40 -12.60 -2.14
N THR B 471 14.91 -13.83 -2.29
CA THR B 471 16.31 -14.11 -2.01
C THR B 471 17.10 -13.68 -3.24
N VAL B 472 17.91 -12.63 -3.08
CA VAL B 472 18.62 -12.02 -4.18
C VAL B 472 20.03 -12.60 -4.25
N SER B 473 20.42 -13.12 -5.41
CA SER B 473 21.79 -13.55 -5.69
C SER B 473 22.38 -12.65 -6.76
N THR B 474 23.37 -11.86 -6.39
CA THR B 474 24.12 -11.03 -7.34
C THR B 474 25.24 -11.93 -7.87
N LEU B 475 25.25 -12.17 -9.17
CA LEU B 475 26.11 -13.17 -9.78
C LEU B 475 27.32 -12.52 -10.43
N ALA B 476 28.46 -13.21 -10.38
CA ALA B 476 29.70 -12.71 -10.97
C ALA B 476 29.51 -12.61 -12.49
N PRO B 477 30.13 -11.59 -13.13
CA PRO B 477 30.04 -11.53 -14.60
C PRO B 477 30.63 -12.78 -15.25
N VAL B 478 30.10 -13.14 -16.42
CA VAL B 478 30.49 -14.35 -17.11
C VAL B 478 30.87 -13.97 -18.52
N MET B 479 32.10 -14.30 -18.91
CA MET B 479 32.57 -14.10 -20.27
C MET B 479 32.29 -15.39 -21.04
N LEU B 480 31.48 -15.28 -22.09
CA LEU B 480 31.11 -16.43 -22.92
C LEU B 480 32.04 -16.46 -24.14
N ASN B 481 32.90 -17.47 -24.18
CA ASN B 481 33.93 -17.59 -25.23
C ASN B 481 34.01 -19.06 -25.69
N GLU B 482 35.17 -19.52 -26.18
CA GLU B 482 35.34 -20.91 -26.61
C GLU B 482 35.06 -21.94 -25.51
N SER B 483 35.29 -21.57 -24.26
CA SER B 483 35.06 -22.48 -23.12
C SER B 483 33.59 -22.59 -22.67
N ALA B 484 32.69 -21.77 -23.21
CA ALA B 484 31.28 -21.76 -22.78
C ALA B 484 30.55 -23.02 -23.23
N ALA B 485 29.89 -23.70 -22.29
CA ALA B 485 28.95 -24.76 -22.63
C ALA B 485 27.70 -24.18 -23.30
N ALA B 486 26.88 -25.02 -23.92
CA ALA B 486 25.61 -24.58 -24.50
C ALA B 486 24.72 -23.94 -23.41
N TYR B 487 24.65 -24.61 -22.27
CA TYR B 487 23.89 -24.16 -21.12
C TYR B 487 24.79 -24.16 -19.89
N THR B 488 24.85 -23.02 -19.19
CA THR B 488 25.62 -22.90 -17.95
C THR B 488 24.69 -22.44 -16.83
N PRO B 489 24.31 -23.36 -15.92
CA PRO B 489 23.47 -22.99 -14.79
C PRO B 489 24.06 -21.84 -13.98
N PHE B 490 23.22 -20.96 -13.47
CA PHE B 490 23.69 -19.92 -12.57
C PHE B 490 24.27 -20.54 -11.30
N SER B 491 25.24 -19.85 -10.70
CA SER B 491 25.88 -20.31 -9.47
C SER B 491 24.91 -20.43 -8.29
N SER B 492 23.83 -19.66 -8.31
CA SER B 492 22.69 -19.85 -7.42
C SER B 492 21.47 -20.20 -8.27
N GLN B 493 20.60 -21.05 -7.74
CA GLN B 493 19.44 -21.55 -8.47
C GLN B 493 18.12 -21.11 -7.84
N PRO B 494 17.06 -20.97 -8.66
CA PRO B 494 15.72 -20.78 -8.10
C PRO B 494 15.28 -21.97 -7.27
N THR B 495 14.30 -21.77 -6.38
CA THR B 495 13.74 -22.85 -5.56
C THR B 495 12.33 -23.24 -5.97
N ASP B 496 11.77 -22.55 -6.95
CA ASP B 496 10.38 -22.77 -7.38
C ASP B 496 10.18 -22.01 -8.70
N ARG B 497 8.94 -21.91 -9.18
CA ARG B 497 8.65 -21.29 -10.48
C ARG B 497 8.31 -19.80 -10.39
N PHE B 498 8.90 -19.09 -9.43
CA PHE B 498 8.60 -17.68 -9.18
C PHE B 498 9.92 -16.97 -8.98
N TYR B 499 10.42 -16.39 -10.05
CA TYR B 499 11.70 -15.71 -10.01
C TYR B 499 11.90 -14.73 -11.14
N ALA B 500 12.91 -13.86 -10.98
CA ALA B 500 13.28 -12.90 -11.99
C ALA B 500 14.77 -12.96 -12.24
N LEU B 501 15.15 -12.64 -13.47
CA LEU B 501 16.54 -12.64 -13.90
C LEU B 501 16.81 -11.34 -14.60
N THR B 502 18.03 -10.83 -14.43
CA THR B 502 18.49 -9.74 -15.26
C THR B 502 19.93 -9.98 -15.72
N GLY B 503 20.26 -9.42 -16.88
CA GLY B 503 21.62 -9.51 -17.41
C GLY B 503 21.82 -8.53 -18.54
N SER B 504 23.06 -8.04 -18.67
CA SER B 504 23.47 -7.20 -19.78
C SER B 504 24.45 -8.02 -20.62
N PHE B 505 24.08 -8.22 -21.89
CA PHE B 505 24.85 -9.03 -22.83
C PHE B 505 25.54 -8.09 -23.79
N GLU B 506 26.86 -8.03 -23.72
CA GLU B 506 27.66 -7.16 -24.59
C GLU B 506 28.19 -7.97 -25.78
N PHE B 507 27.80 -7.58 -26.99
CA PHE B 507 28.16 -8.28 -28.22
C PHE B 507 29.11 -7.42 -29.07
N GLY B 508 29.99 -8.08 -29.82
CA GLY B 508 30.76 -7.39 -30.86
C GLY B 508 29.84 -6.87 -31.95
N LEU B 509 30.22 -5.77 -32.59
CA LEU B 509 29.41 -5.19 -33.67
C LEU B 509 29.17 -6.11 -34.88
N ASN B 510 30.06 -7.07 -35.12
CA ASN B 510 29.88 -8.00 -36.23
C ASN B 510 29.73 -9.43 -35.74
N THR B 511 29.18 -9.60 -34.54
CA THR B 511 29.02 -10.93 -33.96
C THR B 511 28.07 -11.80 -34.80
N THR B 512 28.32 -13.09 -34.77
CA THR B 512 27.34 -14.09 -35.20
C THR B 512 27.06 -15.05 -34.05
N ALA B 513 27.45 -14.66 -32.84
CA ALA B 513 27.18 -15.47 -31.65
C ALA B 513 25.73 -15.22 -31.20
N LYS B 514 25.17 -16.19 -30.48
CA LYS B 514 23.87 -16.06 -29.83
C LYS B 514 24.06 -16.27 -28.34
N ALA B 515 23.26 -15.60 -27.54
CA ALA B 515 23.26 -15.81 -26.10
C ALA B 515 21.91 -15.44 -25.49
N GLY B 516 21.68 -15.90 -24.27
CA GLY B 516 20.45 -15.58 -23.57
C GLY B 516 20.31 -16.36 -22.29
N PHE B 517 19.07 -16.70 -21.96
CA PHE B 517 18.75 -17.38 -20.71
C PHE B 517 17.91 -18.62 -20.96
N ARG B 518 18.22 -19.68 -20.22
CA ARG B 518 17.36 -20.85 -20.13
C ARG B 518 16.65 -20.77 -18.79
N VAL B 519 15.35 -21.06 -18.78
CA VAL B 519 14.52 -20.99 -17.56
C VAL B 519 13.60 -22.23 -17.46
N LEU B 520 13.03 -22.41 -16.28
CA LEU B 520 12.15 -23.54 -15.96
C LEU B 520 12.77 -24.87 -16.44
N ALA B 521 14.02 -25.07 -16.03
CA ALA B 521 14.90 -26.08 -16.61
C ALA B 521 15.22 -27.23 -15.65
N SER B 522 15.01 -28.45 -16.15
CA SER B 522 15.65 -29.66 -15.63
C SER B 522 16.36 -30.28 -16.85
N GLU B 523 16.92 -31.47 -16.67
CA GLU B 523 17.51 -32.21 -17.80
C GLU B 523 16.52 -32.43 -18.95
N GLU B 524 15.26 -32.72 -18.61
CA GLU B 524 14.27 -33.14 -19.61
C GLU B 524 13.30 -32.06 -20.10
N GLU B 525 13.13 -30.98 -19.34
CA GLU B 525 12.26 -29.86 -19.72
C GLU B 525 13.00 -28.56 -19.52
N TYR B 526 12.86 -27.65 -20.48
CA TYR B 526 13.48 -26.33 -20.38
C TYR B 526 12.94 -25.42 -21.46
N THR B 527 13.07 -24.11 -21.22
CA THR B 527 12.64 -23.09 -22.15
C THR B 527 13.81 -22.16 -22.42
N ASP B 528 14.12 -21.94 -23.70
CA ASP B 528 15.31 -21.20 -24.09
C ASP B 528 14.98 -19.86 -24.69
N ILE B 529 15.54 -18.80 -24.09
CA ILE B 529 15.36 -17.44 -24.55
C ILE B 529 16.68 -16.98 -25.17
N TRP B 530 16.69 -16.82 -26.49
CA TRP B 530 17.90 -16.52 -27.26
C TRP B 530 17.79 -15.14 -27.85
N PHE B 531 18.91 -14.40 -27.87
CA PHE B 531 19.02 -13.28 -28.77
C PHE B 531 20.15 -13.54 -29.78
N ASP B 532 19.87 -13.19 -31.03
CA ASP B 532 20.74 -13.45 -32.18
C ASP B 532 20.92 -12.10 -32.87
N PRO B 533 21.95 -11.33 -32.47
CA PRO B 533 22.13 -9.99 -33.01
C PRO B 533 22.22 -9.92 -34.53
N ALA B 534 22.78 -10.94 -35.17
CA ALA B 534 22.93 -10.96 -36.64
C ALA B 534 21.59 -10.90 -37.37
N SER B 535 20.57 -11.59 -36.84
CA SER B 535 19.20 -11.56 -37.38
C SER B 535 18.27 -10.53 -36.70
N GLU B 536 18.69 -9.99 -35.54
CA GLU B 536 17.92 -9.06 -34.72
C GLU B 536 16.68 -9.71 -34.10
N ASN B 537 16.73 -11.03 -33.92
CA ASN B 537 15.60 -11.79 -33.43
C ASN B 537 15.84 -12.23 -32.00
N LEU B 538 14.89 -11.91 -31.13
CA LEU B 538 14.80 -12.49 -29.79
C LEU B 538 13.78 -13.61 -29.90
N THR B 539 14.18 -14.83 -29.55
CA THR B 539 13.28 -15.98 -29.66
C THR B 539 13.08 -16.66 -28.33
N VAL B 540 11.94 -17.33 -28.19
CA VAL B 540 11.71 -18.26 -27.09
C VAL B 540 11.38 -19.61 -27.71
N VAL B 541 12.32 -20.55 -27.55
CA VAL B 541 12.19 -21.87 -28.12
C VAL B 541 11.58 -22.75 -27.07
N ARG B 542 10.46 -23.38 -27.43
CA ARG B 542 9.62 -24.11 -26.48
C ARG B 542 9.41 -25.56 -26.88
N THR B 543 10.27 -26.08 -27.76
CA THR B 543 10.20 -27.48 -28.19
C THR B 543 10.37 -28.45 -27.04
N ALA B 544 11.13 -28.06 -26.01
CA ALA B 544 11.29 -28.89 -24.81
C ALA B 544 10.64 -28.31 -23.54
N SER B 545 9.80 -27.29 -23.67
CA SER B 545 9.22 -26.60 -22.50
C SER B 545 8.46 -27.53 -21.56
N SER B 546 7.78 -28.54 -22.12
CA SER B 546 7.00 -29.47 -21.32
C SER B 546 6.93 -30.88 -21.92
N LEU B 547 6.91 -31.88 -21.05
CA LEU B 547 6.59 -33.26 -21.43
C LEU B 547 5.11 -33.44 -21.78
N ILE B 548 4.25 -32.51 -21.34
CA ILE B 548 2.83 -32.56 -21.66
C ILE B 548 2.67 -32.02 -23.08
N LYS B 549 2.23 -32.86 -23.99
CA LYS B 549 2.28 -32.55 -25.43
C LYS B 549 1.15 -31.69 -25.97
N SER B 550 0.09 -31.49 -25.19
CA SER B 550 -1.08 -30.73 -25.66
C SER B 550 -0.91 -29.21 -25.62
N PHE B 551 0.07 -28.71 -24.87
CA PHE B 551 0.33 -27.26 -24.83
C PHE B 551 1.08 -26.77 -26.07
N GLY B 552 0.94 -25.48 -26.37
CA GLY B 552 1.63 -24.90 -27.51
C GLY B 552 3.14 -25.01 -27.36
N ASN B 553 3.83 -25.22 -28.47
CA ASN B 553 5.28 -25.32 -28.47
C ASN B 553 5.96 -24.51 -29.57
N ASP B 554 5.23 -23.59 -30.19
CA ASP B 554 5.77 -22.78 -31.28
C ASP B 554 6.77 -21.76 -30.73
N THR B 555 7.71 -21.38 -31.58
CA THR B 555 8.79 -20.48 -31.20
C THR B 555 8.28 -19.05 -31.22
N GLU B 556 8.44 -18.34 -30.10
CA GLU B 556 8.06 -16.94 -30.02
C GLU B 556 9.19 -16.14 -30.67
N LEU B 557 8.85 -14.99 -31.24
CA LEU B 557 9.83 -14.14 -31.88
C LEU B 557 9.50 -12.66 -31.72
N ALA B 558 10.50 -11.88 -31.31
CA ALA B 558 10.45 -10.44 -31.30
C ALA B 558 11.64 -9.88 -32.06
N LYS B 559 11.45 -8.76 -32.75
CA LYS B 559 12.55 -7.99 -33.31
C LYS B 559 13.07 -7.03 -32.25
N VAL B 560 14.39 -6.94 -32.09
CA VAL B 560 15.02 -5.98 -31.18
C VAL B 560 16.14 -5.27 -31.93
N LYS B 561 16.06 -3.95 -31.97
CA LYS B 561 17.10 -3.11 -32.55
C LYS B 561 18.09 -2.69 -31.47
N LEU B 562 19.33 -3.16 -31.59
CA LEU B 562 20.39 -2.64 -30.74
C LEU B 562 20.94 -1.37 -31.40
N TYR B 563 20.57 -0.21 -30.86
CA TYR B 563 21.04 1.08 -31.39
C TYR B 563 22.50 1.22 -30.98
N GLU B 564 23.40 1.20 -31.96
CA GLU B 564 24.84 1.24 -31.68
C GLU B 564 25.23 2.68 -31.38
N ILE B 565 26.07 2.87 -30.37
CA ILE B 565 26.43 4.22 -29.92
C ILE B 565 27.75 4.66 -30.59
N VAL B 566 27.81 5.92 -31.00
CA VAL B 566 29.01 6.49 -31.66
C VAL B 566 30.23 6.27 -30.75
N GLY B 567 31.28 5.69 -31.32
CA GLY B 567 32.51 5.42 -30.60
C GLY B 567 32.58 4.08 -29.88
N ALA B 568 31.44 3.38 -29.76
CA ALA B 568 31.42 2.09 -29.08
C ALA B 568 31.93 1.04 -30.04
N GLU B 569 32.61 0.04 -29.48
CA GLU B 569 33.06 -1.12 -30.24
C GLU B 569 32.25 -2.36 -29.88
N SER B 570 31.07 -2.16 -29.30
CA SER B 570 30.18 -3.25 -28.93
C SER B 570 28.75 -2.75 -28.90
N LYS B 571 27.81 -3.69 -28.77
CA LYS B 571 26.38 -3.36 -28.65
C LYS B 571 25.78 -4.26 -27.58
N THR B 572 24.85 -3.69 -26.79
CA THR B 572 24.40 -4.31 -25.54
C THR B 572 22.89 -4.56 -25.50
N LEU B 573 22.52 -5.76 -25.04
CA LEU B 573 21.15 -6.16 -24.78
C LEU B 573 21.01 -6.34 -23.26
N ASN B 574 20.25 -5.45 -22.66
CA ASN B 574 19.71 -5.61 -21.30
C ASN B 574 18.40 -6.39 -21.28
N LEU B 575 18.46 -7.59 -20.72
CA LEU B 575 17.37 -8.53 -20.77
C LEU B 575 16.91 -8.79 -19.34
N THR B 576 15.62 -8.61 -19.08
CA THR B 576 14.99 -8.94 -17.80
C THR B 576 13.90 -9.98 -18.06
N VAL B 577 13.86 -11.02 -17.24
CA VAL B 577 12.91 -12.11 -17.41
C VAL B 577 12.21 -12.40 -16.09
N PHE B 578 10.88 -12.45 -16.14
CA PHE B 578 10.04 -12.84 -15.03
C PHE B 578 9.44 -14.20 -15.31
N VAL B 579 9.63 -15.12 -14.37
CA VAL B 579 9.06 -16.45 -14.42
C VAL B 579 8.08 -16.54 -13.26
N ASP B 580 6.83 -16.82 -13.58
CA ASP B 580 5.73 -16.75 -12.61
C ASP B 580 4.71 -17.83 -12.92
N GLY B 581 4.92 -19.00 -12.34
CA GLY B 581 4.09 -20.17 -12.62
C GLY B 581 4.40 -20.66 -14.03
N SER B 582 3.47 -20.39 -14.94
CA SER B 582 3.62 -20.70 -16.36
C SER B 582 3.96 -19.48 -17.20
N VAL B 583 3.84 -18.28 -16.64
CA VAL B 583 4.16 -17.07 -17.40
C VAL B 583 5.67 -16.89 -17.47
N ILE B 584 6.16 -16.58 -18.68
CA ILE B 584 7.51 -16.09 -18.89
C ILE B 584 7.33 -14.75 -19.57
N GLU B 585 7.77 -13.68 -18.91
CA GLU B 585 7.58 -12.33 -19.42
C GLU B 585 8.93 -11.64 -19.54
N ILE B 586 9.27 -11.25 -20.76
CA ILE B 586 10.62 -10.82 -21.11
C ILE B 586 10.59 -9.36 -21.52
N TYR B 587 11.55 -8.59 -20.99
CA TYR B 587 11.72 -7.20 -21.31
C TYR B 587 13.14 -6.96 -21.82
N ALA B 588 13.26 -6.24 -22.94
CA ALA B 588 14.56 -5.87 -23.49
C ALA B 588 14.70 -4.36 -23.64
N ASN B 589 15.40 -3.97 -23.28
CA ASN B 589 15.95 -2.61 -23.26
C ASN B 589 14.95 -1.53 -22.88
N ASP B 590 14.16 -1.73 -21.95
CA ASP B 590 13.01 -0.88 -21.60
C ASP B 590 12.20 -0.48 -22.83
N GLU B 591 12.00 -1.43 -23.73
CA GLU B 591 11.44 -1.16 -25.04
C GLU B 591 10.62 -2.32 -25.59
N VAL B 592 11.23 -3.49 -25.66
CA VAL B 592 10.61 -4.68 -26.26
C VAL B 592 10.07 -5.59 -25.15
N ALA B 593 8.84 -6.07 -25.31
CA ALA B 593 8.23 -7.01 -24.36
C ALA B 593 7.77 -8.25 -25.10
N LEU B 594 7.90 -9.40 -24.46
CA LEU B 594 7.42 -10.67 -25.01
C LEU B 594 6.94 -11.55 -23.86
N SER B 595 5.64 -11.82 -23.84
CA SER B 595 5.00 -12.64 -22.82
C SER B 595 4.68 -13.99 -23.43
N THR B 596 4.97 -15.07 -22.74
CA THR B 596 4.63 -16.40 -23.24
C THR B 596 4.33 -17.37 -22.09
N ARG B 597 4.11 -18.64 -22.45
CA ARG B 597 3.71 -19.67 -21.49
C ARG B 597 4.57 -20.93 -21.61
N ALA B 598 4.89 -21.54 -20.47
CA ALA B 598 5.56 -22.84 -20.44
C ALA B 598 5.00 -23.63 -19.29
N TYR B 599 4.67 -24.89 -19.53
CA TYR B 599 4.00 -25.73 -18.55
C TYR B 599 4.77 -27.04 -18.29
N PRO B 600 6.04 -26.96 -17.85
CA PRO B 600 6.75 -28.20 -17.52
C PRO B 600 6.06 -28.98 -16.41
N TRP B 601 6.02 -30.30 -16.55
CA TRP B 601 5.41 -31.16 -15.55
C TRP B 601 6.28 -31.41 -14.31
N LEU B 602 7.58 -31.61 -14.52
CA LEU B 602 8.44 -32.11 -13.44
C LEU B 602 8.66 -31.04 -12.37
N ALA B 603 8.59 -31.46 -11.12
CA ALA B 603 8.76 -30.56 -9.98
C ALA B 603 10.11 -29.84 -9.99
N ASN B 604 11.15 -30.50 -10.52
CA ASN B 604 12.48 -29.89 -10.56
C ASN B 604 12.79 -29.12 -11.86
N SER B 605 11.79 -28.89 -12.72
CA SER B 605 11.99 -28.04 -13.89
C SER B 605 11.85 -26.56 -13.52
N THR B 606 12.74 -26.11 -12.65
CA THR B 606 12.75 -24.74 -12.13
C THR B 606 14.10 -24.04 -12.33
N GLY B 607 15.11 -24.73 -12.85
CA GLY B 607 16.45 -24.17 -12.94
C GLY B 607 16.61 -23.11 -14.01
N ALA B 608 17.71 -22.38 -13.92
CA ALA B 608 18.02 -21.32 -14.88
C ALA B 608 19.51 -21.05 -15.03
N GLY B 609 19.88 -20.48 -16.16
CA GLY B 609 21.26 -20.16 -16.44
C GLY B 609 21.43 -19.52 -17.79
N LEU B 610 22.68 -19.45 -18.23
CA LEU B 610 23.06 -18.76 -19.45
C LEU B 610 23.11 -19.71 -20.64
N LEU B 611 22.71 -19.18 -21.79
CA LEU B 611 22.76 -19.88 -23.06
C LEU B 611 23.84 -19.21 -23.91
N ALA B 612 24.56 -20.04 -24.67
CA ALA B 612 25.64 -19.58 -25.54
C ALA B 612 25.69 -20.47 -26.77
N ASP B 613 25.79 -19.86 -27.94
CA ASP B 613 25.92 -20.60 -29.18
C ASP B 613 26.82 -19.82 -30.14
N GLY B 614 27.88 -20.47 -30.63
CA GLY B 614 28.84 -19.84 -31.51
C GLY B 614 29.72 -18.81 -30.83
N THR B 615 29.89 -18.90 -29.50
CA THR B 615 30.86 -18.06 -28.81
C THR B 615 32.23 -18.74 -28.90
N THR B 616 33.23 -17.95 -29.27
CA THR B 616 34.59 -18.44 -29.52
C THR B 616 35.60 -17.53 -28.82
N ALA B 617 36.89 -17.84 -28.97
CA ALA B 617 37.96 -16.94 -28.49
C ALA B 617 37.88 -15.56 -29.15
N GLY B 618 37.46 -15.51 -30.41
CA GLY B 618 37.35 -14.26 -31.16
C GLY B 618 35.98 -13.59 -31.13
N ASP B 619 34.90 -14.38 -31.06
CA ASP B 619 33.53 -13.86 -31.03
C ASP B 619 32.98 -14.12 -29.63
N VAL B 620 33.15 -13.13 -28.76
CA VAL B 620 32.94 -13.28 -27.32
C VAL B 620 31.68 -12.51 -26.90
N VAL B 621 30.94 -13.03 -25.91
CA VAL B 621 29.78 -12.32 -25.35
C VAL B 621 30.02 -12.10 -23.87
N GLY B 622 30.11 -10.83 -23.48
CA GLY B 622 30.36 -10.47 -22.09
C GLY B 622 29.03 -10.27 -21.38
N VAL B 623 28.78 -11.08 -20.35
CA VAL B 623 27.56 -10.97 -19.57
C VAL B 623 27.90 -10.37 -18.20
N SER B 624 27.21 -9.29 -17.85
CA SER B 624 27.40 -8.59 -16.58
C SER B 624 26.05 -8.12 -16.04
N GLY B 625 26.06 -7.50 -14.85
CA GLY B 625 24.84 -7.08 -14.18
C GLY B 625 23.88 -8.23 -13.94
N LEU B 626 24.43 -9.43 -13.70
CA LEU B 626 23.63 -10.64 -13.53
C LEU B 626 23.05 -10.70 -12.13
N GLU B 627 21.76 -10.98 -12.04
CA GLU B 627 21.10 -11.06 -10.78
C GLU B 627 19.88 -11.97 -10.87
N LEU B 628 19.71 -12.82 -9.84
CA LEU B 628 18.57 -13.69 -9.69
C LEU B 628 17.78 -13.24 -8.46
N TRP B 629 16.47 -13.03 -8.64
CA TRP B 629 15.56 -12.80 -7.54
C TRP B 629 14.68 -14.04 -7.38
N ASP B 630 14.88 -14.80 -6.31
CA ASP B 630 14.10 -16.01 -6.09
C ASP B 630 12.93 -15.75 -5.12
N GLY B 631 11.72 -15.98 -5.60
CA GLY B 631 10.51 -15.92 -4.76
C GLY B 631 9.49 -14.89 -5.21
N LEU B 632 9.96 -13.70 -5.58
CA LEU B 632 9.08 -12.56 -5.91
C LEU B 632 8.15 -12.23 -4.74
N VAL B 633 6.89 -11.89 -5.02
CA VAL B 633 5.91 -11.48 -4.00
C VAL B 633 4.68 -12.37 -4.14
N ASP B 634 4.05 -12.65 -3.01
CA ASP B 634 2.72 -13.23 -2.97
C ASP B 634 1.72 -12.11 -3.31
N ALA B 635 1.28 -12.05 -4.57
CA ALA B 635 0.44 -10.94 -5.04
C ALA B 635 -0.97 -10.87 -4.44
N TRP B 636 -1.48 -12.00 -3.92
CA TRP B 636 -2.83 -12.10 -3.37
C TRP B 636 -2.78 -12.69 -1.98
N PRO B 637 -2.22 -11.95 -1.01
CA PRO B 637 -1.98 -12.54 0.30
C PRO B 637 -3.20 -13.05 1.03
N ALA B 638 -4.38 -12.47 0.79
CA ALA B 638 -5.59 -12.94 1.46
C ALA B 638 -6.18 -14.19 0.83
N ARG B 639 -5.78 -14.54 -0.39
CA ARG B 639 -6.32 -15.73 -1.05
C ARG B 639 -5.62 -16.99 -0.55
N PRO B 640 -6.38 -18.06 -0.25
CA PRO B 640 -5.71 -19.36 -0.07
C PRO B 640 -5.09 -19.85 -1.39
N ALA B 641 -4.32 -20.94 -1.30
CA ALA B 641 -3.66 -21.51 -2.49
C ALA B 641 -4.67 -21.93 -3.57
N ASN B 642 -5.75 -22.55 -3.14
CA ASN B 642 -6.80 -22.99 -4.03
C ASN B 642 -8.07 -22.16 -3.84
N THR B 643 -8.30 -21.23 -4.77
CA THR B 643 -9.51 -20.39 -4.76
C THR B 643 -10.57 -20.88 -5.74
N SER B 644 -10.43 -22.10 -6.26
CA SER B 644 -11.48 -22.69 -7.10
C SER B 644 -12.78 -22.76 -6.32
N GLN B 645 -13.89 -22.51 -7.02
CA GLN B 645 -15.22 -22.77 -6.48
C GLN B 645 -15.92 -23.85 -7.31
N GLY B 646 -15.15 -24.66 -8.03
CA GLY B 646 -15.73 -25.62 -8.96
C GLY B 646 -16.15 -24.97 -10.25
N LEU B 647 -16.50 -25.81 -11.22
CA LEU B 647 -16.92 -25.36 -12.53
C LEU B 647 -18.33 -25.83 -12.78
N VAL B 648 -19.06 -25.07 -13.58
CA VAL B 648 -20.46 -25.39 -13.87
C VAL B 648 -20.71 -25.36 -15.38
N TRP B 649 -21.78 -26.04 -15.79
CA TRP B 649 -22.25 -26.06 -17.16
C TRP B 649 -23.56 -25.29 -17.25
N ASP B 650 -23.70 -24.46 -18.29
CA ASP B 650 -24.91 -23.69 -18.52
C ASP B 650 -26.13 -24.56 -18.91
N GLY B 651 -25.86 -25.78 -19.35
CA GLY B 651 -26.90 -26.71 -19.75
C GLY B 651 -27.24 -26.58 -21.22
N PRO B 652 -28.28 -27.31 -21.66
CA PRO B 652 -28.65 -27.34 -23.08
C PRO B 652 -29.05 -26.01 -23.69
N THR B 653 -29.52 -25.05 -22.87
CA THR B 653 -29.90 -23.75 -23.42
C THR B 653 -28.72 -22.93 -23.96
N ALA B 654 -27.49 -23.23 -23.54
CA ALA B 654 -26.34 -22.48 -24.08
C ALA B 654 -26.28 -22.57 -25.60
N ALA B 655 -26.44 -23.78 -26.12
CA ALA B 655 -26.48 -24.01 -27.57
C ALA B 655 -27.73 -23.40 -28.24
N MET B 656 -28.87 -23.39 -27.53
CA MET B 656 -30.08 -22.75 -28.05
C MET B 656 -29.92 -21.24 -28.20
N TYR B 657 -29.40 -20.57 -27.18
CA TYR B 657 -29.17 -19.13 -27.25
C TYR B 657 -28.03 -18.80 -28.22
N GLY B 658 -27.01 -19.66 -28.25
CA GLY B 658 -25.92 -19.54 -29.22
C GLY B 658 -24.91 -18.43 -28.92
N LEU B 659 -24.92 -17.90 -27.70
CA LEU B 659 -24.08 -16.74 -27.36
C LEU B 659 -22.78 -17.12 -26.68
N PHE B 660 -22.83 -18.12 -25.80
CA PHE B 660 -21.68 -18.53 -25.00
C PHE B 660 -21.46 -20.02 -25.16
N ALA B 661 -20.20 -20.47 -25.05
CA ALA B 661 -19.90 -21.90 -25.14
C ALA B 661 -20.70 -22.70 -24.10
N GLY B 662 -20.81 -22.16 -22.89
CA GLY B 662 -21.61 -22.76 -21.84
C GLY B 662 -20.81 -23.39 -20.71
N TYR B 663 -19.49 -23.41 -20.84
CA TYR B 663 -18.61 -24.04 -19.84
C TYR B 663 -17.33 -23.22 -19.70
#